data_2TEP
#
_entry.id   2TEP
#
_cell.length_a   129.892
_cell.length_b   126.676
_cell.length_c   76.516
_cell.angle_alpha   90.00
_cell.angle_beta   90.00
_cell.angle_gamma   90.00
#
_symmetry.space_group_name_H-M   'P 21 21 2'
#
loop_
_entity.id
_entity.type
_entity.pdbx_description
1 polymer 'PROTEIN (PEANUT LECTIN)'
2 branched beta-D-galactopyranose-(1-3)-2-acetamido-2-deoxy-beta-D-galactopyranose
3 non-polymer 'CALCIUM ION'
4 non-polymer 'MANGANESE (II) ION'
5 water water
#
_entity_poly.entity_id   1
_entity_poly.type   'polypeptide(L)'
_entity_poly.pdbx_seq_one_letter_code
;AETVSFNFNSFSEGNPAINFQGDVTVLSNGNIQLTNLNKVNSVGRVLYAMPVRIWSSATGNVASFLTSFSFEMKDIKDYD
PADGIIFFIAPEDTQIPAGSIGGGTLGVSDTKGAGHFVGVEFDTYSNSEYNDPPTDHVGIDVNSVDSVKTVPWNSVSGAV
VKVTVIYDSSTKTLSVAVTNDNGDITTIAQVVDLKAKLPERVKFGFSASGSLGGRQIHLIRSWSFTSTLITTTRRS
;
_entity_poly.pdbx_strand_id   A,B,C,D
#
# COMPACT_ATOMS: atom_id res chain seq x y z
N ALA A 1 -11.08 1.76 -11.21
CA ALA A 1 -9.86 2.07 -11.99
C ALA A 1 -9.02 0.82 -12.18
N GLU A 2 -8.06 0.91 -13.08
CA GLU A 2 -7.15 -0.19 -13.34
C GLU A 2 -5.78 0.23 -12.82
N THR A 3 -5.37 -0.35 -11.71
CA THR A 3 -4.07 -0.03 -11.14
C THR A 3 -3.15 -1.24 -11.11
N VAL A 4 -1.86 -0.99 -11.30
CA VAL A 4 -0.84 -2.03 -11.26
C VAL A 4 0.23 -1.40 -10.40
N SER A 5 0.71 -2.12 -9.40
CA SER A 5 1.80 -1.61 -8.56
C SER A 5 2.60 -2.76 -7.97
N PHE A 6 3.87 -2.50 -7.73
CA PHE A 6 4.79 -3.48 -7.15
C PHE A 6 5.90 -2.73 -6.41
N ASN A 7 6.65 -3.44 -5.56
CA ASN A 7 7.70 -2.81 -4.78
C ASN A 7 8.87 -3.76 -4.52
N PHE A 8 10.02 -3.47 -5.11
CA PHE A 8 11.22 -4.29 -4.94
C PHE A 8 12.28 -3.62 -4.09
N ASN A 9 12.43 -4.08 -2.85
CA ASN A 9 13.42 -3.50 -1.93
C ASN A 9 14.74 -4.24 -2.05
N SER A 10 14.69 -5.38 -2.74
CA SER A 10 15.83 -6.25 -3.00
C SER A 10 15.32 -7.19 -4.07
N PHE A 11 16.22 -7.81 -4.82
CA PHE A 11 15.80 -8.74 -5.86
C PHE A 11 16.27 -10.15 -5.51
N SER A 12 15.81 -11.15 -6.27
CA SER A 12 16.20 -12.54 -6.02
C SER A 12 16.01 -13.38 -7.27
N GLU A 13 16.86 -14.40 -7.44
CA GLU A 13 16.78 -15.29 -8.58
C GLU A 13 15.50 -16.13 -8.54
N GLY A 14 15.10 -16.64 -9.69
CA GLY A 14 13.90 -17.46 -9.76
C GLY A 14 12.60 -16.82 -9.34
N ASN A 15 12.51 -15.49 -9.39
CA ASN A 15 11.28 -14.80 -9.00
C ASN A 15 10.41 -14.57 -10.23
N PRO A 16 9.26 -15.27 -10.32
CA PRO A 16 8.34 -15.12 -11.47
C PRO A 16 7.93 -13.70 -11.94
N ALA A 17 8.19 -12.67 -11.14
CA ALA A 17 7.82 -11.30 -11.49
C ALA A 17 8.88 -10.56 -12.28
N ILE A 18 10.02 -11.19 -12.52
CA ILE A 18 11.07 -10.52 -13.25
C ILE A 18 11.63 -11.34 -14.40
N ASN A 19 11.96 -10.64 -15.48
CA ASN A 19 12.54 -11.23 -16.69
C ASN A 19 13.97 -10.73 -16.74
N PHE A 20 14.92 -11.66 -16.82
CA PHE A 20 16.32 -11.30 -16.89
C PHE A 20 16.76 -11.52 -18.33
N GLN A 21 17.38 -10.50 -18.92
CA GLN A 21 17.86 -10.55 -20.30
C GLN A 21 19.33 -10.20 -20.38
N GLY A 22 20.10 -11.02 -21.12
CA GLY A 22 21.52 -10.75 -21.27
C GLY A 22 22.36 -11.12 -20.06
N ASP A 23 23.38 -10.31 -19.81
CA ASP A 23 24.34 -10.55 -18.74
C ASP A 23 23.96 -10.16 -17.31
N VAL A 24 22.67 -10.19 -17.01
CA VAL A 24 22.19 -9.87 -15.67
C VAL A 24 22.53 -10.98 -14.69
N THR A 25 22.85 -10.57 -13.45
CA THR A 25 23.17 -11.49 -12.38
C THR A 25 22.65 -10.86 -11.07
N VAL A 26 21.97 -11.65 -10.24
CA VAL A 26 21.45 -11.12 -8.98
C VAL A 26 22.49 -11.37 -7.93
N LEU A 27 22.94 -10.31 -7.27
CA LEU A 27 23.97 -10.42 -6.24
C LEU A 27 23.45 -10.91 -4.88
N SER A 28 24.36 -11.41 -4.04
CA SER A 28 24.00 -11.92 -2.72
C SER A 28 23.33 -10.91 -1.82
N ASN A 29 23.59 -9.65 -2.07
CA ASN A 29 23.01 -8.60 -1.24
C ASN A 29 21.65 -8.16 -1.78
N GLY A 30 21.15 -8.84 -2.81
CA GLY A 30 19.86 -8.50 -3.39
C GLY A 30 19.88 -7.41 -4.42
N ASN A 31 21.07 -7.02 -4.85
CA ASN A 31 21.22 -5.98 -5.86
C ASN A 31 21.29 -6.69 -7.19
N ILE A 32 20.97 -5.97 -8.25
CA ILE A 32 21.05 -6.56 -9.57
C ILE A 32 22.25 -5.92 -10.27
N GLN A 33 23.17 -6.76 -10.76
CA GLN A 33 24.34 -6.26 -11.48
C GLN A 33 23.96 -6.51 -12.93
N LEU A 34 23.75 -5.44 -13.69
CA LEU A 34 23.33 -5.55 -15.08
C LEU A 34 24.33 -6.02 -16.14
N THR A 35 25.61 -5.74 -15.95
CA THR A 35 26.61 -6.14 -16.95
C THR A 35 27.73 -7.02 -16.41
N ASN A 36 28.35 -7.77 -17.32
CA ASN A 36 29.46 -8.68 -17.00
C ASN A 36 30.80 -8.00 -17.21
N LEU A 37 31.54 -7.76 -16.13
CA LEU A 37 32.83 -7.07 -16.22
C LEU A 37 33.90 -7.77 -17.05
N ASN A 38 33.69 -9.04 -17.39
CA ASN A 38 34.68 -9.76 -18.19
C ASN A 38 34.24 -9.95 -19.64
N LYS A 39 33.08 -9.43 -20.03
CA LYS A 39 32.59 -9.57 -21.40
C LYS A 39 32.68 -8.34 -22.31
N VAL A 40 33.17 -8.57 -23.53
CA VAL A 40 33.27 -7.50 -24.52
C VAL A 40 31.83 -7.24 -24.89
N ASN A 41 31.50 -5.96 -25.09
CA ASN A 41 30.16 -5.54 -25.46
C ASN A 41 29.10 -6.28 -24.63
N SER A 42 29.27 -6.22 -23.32
CA SER A 42 28.36 -6.86 -22.38
C SER A 42 27.02 -6.09 -22.33
N VAL A 43 25.90 -6.80 -22.29
CA VAL A 43 24.58 -6.14 -22.23
C VAL A 43 23.71 -6.89 -21.25
N GLY A 44 22.99 -6.14 -20.43
CA GLY A 44 22.11 -6.75 -19.45
C GLY A 44 20.87 -5.90 -19.30
N ARG A 45 19.73 -6.57 -19.20
CA ARG A 45 18.46 -5.91 -19.04
C ARG A 45 17.60 -6.73 -18.09
N VAL A 46 16.78 -6.05 -17.30
CA VAL A 46 15.90 -6.70 -16.37
C VAL A 46 14.58 -5.99 -16.53
N LEU A 47 13.53 -6.76 -16.81
CA LEU A 47 12.19 -6.22 -17.02
C LEU A 47 11.18 -6.79 -16.02
N TYR A 48 10.08 -6.08 -15.82
CA TYR A 48 9.02 -6.55 -14.96
C TYR A 48 8.30 -7.56 -15.87
N ALA A 49 8.05 -8.75 -15.36
CA ALA A 49 7.41 -9.83 -16.12
C ALA A 49 6.02 -9.65 -16.69
N MET A 50 5.12 -9.03 -15.92
CA MET A 50 3.75 -8.83 -16.40
C MET A 50 3.63 -7.60 -17.27
N PRO A 51 3.07 -7.74 -18.49
CA PRO A 51 2.94 -6.57 -19.36
C PRO A 51 1.86 -5.65 -18.82
N VAL A 52 2.12 -4.34 -18.85
CA VAL A 52 1.18 -3.35 -18.35
C VAL A 52 0.42 -2.72 -19.52
N ARG A 53 -0.87 -2.48 -19.31
CA ARG A 53 -1.69 -1.85 -20.31
C ARG A 53 -1.62 -0.35 -20.07
N ILE A 54 -0.82 0.35 -20.86
CA ILE A 54 -0.68 1.79 -20.71
C ILE A 54 -1.82 2.61 -21.29
N TRP A 55 -2.50 2.09 -22.31
CA TRP A 55 -3.62 2.82 -22.90
C TRP A 55 -4.66 1.88 -23.47
N SER A 56 -5.88 2.39 -23.61
CA SER A 56 -6.99 1.59 -24.09
C SER A 56 -7.54 2.08 -25.41
N SER A 57 -7.54 1.21 -26.42
CA SER A 57 -8.06 1.54 -27.74
C SER A 57 -9.57 1.77 -27.68
N ALA A 58 -10.22 1.11 -26.72
CA ALA A 58 -11.65 1.23 -26.55
C ALA A 58 -12.08 2.58 -25.99
N THR A 59 -11.36 3.06 -24.97
CA THR A 59 -11.70 4.35 -24.36
C THR A 59 -10.85 5.48 -24.88
N GLY A 60 -9.72 5.13 -25.47
CA GLY A 60 -8.81 6.13 -25.97
C GLY A 60 -8.07 6.78 -24.82
N ASN A 61 -8.11 6.17 -23.64
CA ASN A 61 -7.43 6.72 -22.46
C ASN A 61 -5.98 6.27 -22.36
N VAL A 62 -5.17 7.05 -21.64
CA VAL A 62 -3.76 6.73 -21.40
C VAL A 62 -3.66 6.65 -19.86
N ALA A 63 -2.76 5.83 -19.36
CA ALA A 63 -2.56 5.68 -17.92
C ALA A 63 -1.59 6.75 -17.45
N SER A 64 -1.48 6.88 -16.13
CA SER A 64 -0.54 7.82 -15.52
C SER A 64 0.34 6.95 -14.64
N PHE A 65 1.57 7.39 -14.35
CA PHE A 65 2.41 6.57 -13.50
C PHE A 65 3.43 7.27 -12.62
N LEU A 66 3.64 6.69 -11.46
CA LEU A 66 4.61 7.21 -10.52
C LEU A 66 5.59 6.07 -10.27
N THR A 67 6.88 6.33 -10.45
CA THR A 67 7.84 5.28 -10.20
C THR A 67 9.09 5.86 -9.57
N SER A 68 9.63 5.13 -8.61
CA SER A 68 10.79 5.61 -7.93
C SER A 68 11.82 4.48 -7.92
N PHE A 69 13.09 4.79 -8.15
CA PHE A 69 14.13 3.76 -8.14
C PHE A 69 15.52 4.32 -7.87
N SER A 70 16.40 3.50 -7.33
CA SER A 70 17.77 3.92 -7.03
C SER A 70 18.77 2.99 -7.68
N PHE A 71 19.93 3.52 -8.06
CA PHE A 71 20.96 2.71 -8.68
C PHE A 71 22.33 3.18 -8.22
N GLU A 72 23.37 2.47 -8.63
CA GLU A 72 24.74 2.82 -8.27
C GLU A 72 25.68 2.35 -9.38
N MET A 73 26.55 3.25 -9.84
CA MET A 73 27.54 2.93 -10.86
C MET A 73 28.89 3.07 -10.17
N LYS A 74 29.79 2.14 -10.42
CA LYS A 74 31.08 2.16 -9.77
C LYS A 74 32.17 1.87 -10.79
N ASP A 75 33.32 2.53 -10.62
CA ASP A 75 34.45 2.34 -11.52
C ASP A 75 35.25 1.11 -11.17
N ILE A 76 35.68 0.38 -12.20
CA ILE A 76 36.51 -0.79 -12.02
C ILE A 76 37.81 -0.36 -12.66
N LYS A 77 38.91 -0.80 -12.08
CA LYS A 77 40.23 -0.44 -12.55
C LYS A 77 40.44 -0.68 -14.04
N ASP A 78 41.36 0.09 -14.60
CA ASP A 78 41.77 0.01 -16.00
C ASP A 78 40.75 0.31 -17.10
N TYR A 79 39.46 0.14 -16.82
CA TYR A 79 38.45 0.39 -17.85
C TYR A 79 37.72 1.72 -17.72
N ASP A 80 37.30 2.27 -18.85
CA ASP A 80 36.59 3.54 -18.85
C ASP A 80 35.20 3.29 -18.34
N PRO A 81 34.76 4.14 -17.39
CA PRO A 81 33.43 4.07 -16.78
C PRO A 81 32.43 4.34 -17.88
N ALA A 82 31.91 3.28 -18.47
CA ALA A 82 30.95 3.36 -19.57
C ALA A 82 30.03 2.15 -19.46
N ASP A 83 28.81 2.22 -20.00
CA ASP A 83 28.29 3.37 -20.71
C ASP A 83 27.12 4.08 -20.02
N GLY A 84 26.49 3.41 -19.07
CA GLY A 84 25.37 4.02 -18.38
C GLY A 84 24.16 3.11 -18.33
N ILE A 85 23.14 3.57 -17.60
CA ILE A 85 21.89 2.85 -17.36
C ILE A 85 20.70 3.56 -18.04
N ILE A 86 19.71 2.79 -18.47
CA ILE A 86 18.53 3.38 -19.08
C ILE A 86 17.24 2.70 -18.62
N PHE A 87 16.30 3.49 -18.13
CA PHE A 87 15.00 3.03 -17.68
C PHE A 87 14.15 3.17 -18.92
N PHE A 88 13.65 2.06 -19.45
CA PHE A 88 12.85 2.11 -20.68
C PHE A 88 11.47 1.42 -20.64
N ILE A 89 10.66 1.74 -21.63
CA ILE A 89 9.31 1.20 -21.80
C ILE A 89 9.29 0.72 -23.24
N ALA A 90 8.91 -0.53 -23.47
CA ALA A 90 8.89 -1.06 -24.83
C ALA A 90 7.75 -2.04 -24.99
N PRO A 91 7.54 -2.51 -26.23
CA PRO A 91 6.48 -3.46 -26.54
C PRO A 91 6.76 -4.77 -25.79
N GLU A 92 5.71 -5.47 -25.36
CA GLU A 92 5.87 -6.71 -24.59
C GLU A 92 6.83 -7.75 -25.14
N ASP A 93 6.91 -7.86 -26.46
CA ASP A 93 7.80 -8.83 -27.09
C ASP A 93 9.25 -8.33 -27.23
N THR A 94 9.62 -7.31 -26.45
CA THR A 94 10.96 -6.72 -26.50
C THR A 94 12.10 -7.65 -26.12
N GLN A 95 13.17 -7.60 -26.92
CA GLN A 95 14.36 -8.41 -26.71
C GLN A 95 15.63 -7.58 -27.01
N ILE A 96 16.79 -8.08 -26.58
CA ILE A 96 18.06 -7.39 -26.85
C ILE A 96 18.33 -7.43 -28.35
N PRO A 97 18.59 -6.27 -28.97
CA PRO A 97 18.86 -6.17 -30.41
C PRO A 97 19.86 -7.21 -30.88
N ALA A 98 19.53 -7.89 -31.97
CA ALA A 98 20.42 -8.92 -32.51
C ALA A 98 21.74 -8.30 -32.89
N GLY A 99 22.82 -8.95 -32.50
CA GLY A 99 24.14 -8.44 -32.81
C GLY A 99 24.37 -7.09 -32.18
N SER A 100 23.75 -6.87 -31.04
CA SER A 100 23.91 -5.62 -30.33
C SER A 100 25.40 -5.46 -30.02
N ILE A 101 25.92 -4.25 -30.26
CA ILE A 101 27.34 -3.93 -30.03
C ILE A 101 27.59 -3.36 -28.66
N GLY A 102 26.57 -3.41 -27.79
CA GLY A 102 26.72 -2.88 -26.44
C GLY A 102 27.01 -1.40 -26.56
N GLY A 103 28.05 -0.95 -25.87
CA GLY A 103 28.44 0.45 -25.93
C GLY A 103 27.30 1.44 -25.81
N GLY A 104 27.42 2.55 -26.55
CA GLY A 104 26.44 3.62 -26.51
C GLY A 104 25.02 3.33 -26.97
N THR A 105 24.74 2.08 -27.33
CA THR A 105 23.40 1.71 -27.74
C THR A 105 22.54 1.46 -26.48
N LEU A 106 23.24 1.34 -25.35
CA LEU A 106 22.64 1.09 -24.03
C LEU A 106 21.77 -0.19 -23.96
N GLY A 107 22.01 -1.11 -24.88
CA GLY A 107 21.24 -2.35 -24.91
C GLY A 107 19.82 -2.21 -25.45
N VAL A 108 19.43 -1.01 -25.87
CA VAL A 108 18.07 -0.81 -26.37
C VAL A 108 17.92 -0.41 -27.83
N SER A 109 19.01 -0.27 -28.57
CA SER A 109 18.92 0.14 -29.98
C SER A 109 19.97 -0.52 -30.86
N ASP A 110 19.78 -0.40 -32.17
CA ASP A 110 20.73 -0.97 -33.10
C ASP A 110 21.94 -0.05 -33.21
N THR A 111 22.85 -0.39 -34.11
CA THR A 111 24.07 0.38 -34.34
C THR A 111 23.83 1.85 -34.68
N LYS A 112 22.80 2.14 -35.49
CA LYS A 112 22.49 3.52 -35.85
C LYS A 112 21.97 4.25 -34.63
N GLY A 113 21.62 3.49 -33.59
CA GLY A 113 21.11 4.08 -32.36
C GLY A 113 19.61 4.24 -32.38
N ALA A 114 18.94 3.40 -33.15
CA ALA A 114 17.49 3.41 -33.31
C ALA A 114 16.83 2.17 -32.69
N GLY A 115 15.54 2.30 -32.35
CA GLY A 115 14.82 1.18 -31.78
C GLY A 115 13.41 1.54 -31.40
N HIS A 116 12.69 0.60 -30.80
CA HIS A 116 11.32 0.84 -30.38
C HIS A 116 11.22 0.91 -28.86
N PHE A 117 11.25 2.12 -28.32
CA PHE A 117 11.20 2.29 -26.88
C PHE A 117 11.11 3.76 -26.52
N VAL A 118 10.95 4.00 -25.23
CA VAL A 118 10.90 5.34 -24.67
C VAL A 118 11.58 5.18 -23.33
N GLY A 119 12.38 6.14 -22.91
CA GLY A 119 13.04 5.97 -21.64
C GLY A 119 13.92 7.10 -21.20
N VAL A 120 14.46 6.95 -20.00
CA VAL A 120 15.32 7.94 -19.40
C VAL A 120 16.69 7.32 -19.23
N GLU A 121 17.69 7.91 -19.88
CA GLU A 121 19.05 7.40 -19.75
C GLU A 121 19.84 8.24 -18.77
N PHE A 122 20.91 7.61 -18.29
CA PHE A 122 21.88 8.18 -17.37
C PHE A 122 23.12 7.70 -18.10
N ASP A 123 23.56 8.53 -19.03
CA ASP A 123 24.70 8.23 -19.89
C ASP A 123 25.99 8.78 -19.33
N THR A 124 26.97 7.89 -19.09
CA THR A 124 28.26 8.30 -18.55
C THR A 124 29.36 8.42 -19.60
N TYR A 125 29.03 8.24 -20.89
CA TYR A 125 30.02 8.34 -21.95
C TYR A 125 29.48 9.05 -23.19
N SER A 126 30.21 10.08 -23.63
CA SER A 126 29.83 10.87 -24.81
C SER A 126 30.11 10.16 -26.13
N ASN A 127 29.05 9.73 -26.81
CA ASN A 127 29.15 9.08 -28.11
C ASN A 127 28.73 10.08 -29.17
N SER A 128 29.71 10.64 -29.87
CA SER A 128 29.47 11.61 -30.94
C SER A 128 28.53 11.05 -32.02
N GLU A 129 28.63 9.76 -32.28
CA GLU A 129 27.79 9.14 -33.28
C GLU A 129 26.31 9.29 -32.97
N TYR A 130 25.98 9.44 -31.70
CA TYR A 130 24.58 9.59 -31.28
C TYR A 130 24.33 11.02 -30.80
N ASN A 131 25.22 11.92 -31.19
CA ASN A 131 25.12 13.33 -30.82
C ASN A 131 25.08 13.57 -29.31
N ASP A 132 25.91 12.82 -28.59
CA ASP A 132 25.98 12.93 -27.14
C ASP A 132 26.62 14.20 -26.60
N PRO A 133 25.99 14.84 -25.60
CA PRO A 133 26.54 16.06 -25.02
C PRO A 133 27.95 15.68 -24.54
N PRO A 134 28.85 16.66 -24.42
CA PRO A 134 30.23 16.42 -23.99
C PRO A 134 30.43 15.98 -22.53
N THR A 135 29.35 16.00 -21.75
CA THR A 135 29.44 15.60 -20.34
C THR A 135 28.49 14.47 -20.04
N ASP A 136 28.52 14.00 -18.79
CA ASP A 136 27.61 12.96 -18.36
C ASP A 136 26.26 13.66 -18.46
N HIS A 137 25.19 12.90 -18.64
CA HIS A 137 23.89 13.56 -18.78
C HIS A 137 22.71 12.65 -18.59
N VAL A 138 21.56 13.27 -18.31
CA VAL A 138 20.30 12.55 -18.15
C VAL A 138 19.48 12.97 -19.38
N GLY A 139 18.91 12.02 -20.10
CA GLY A 139 18.14 12.40 -21.26
C GLY A 139 16.87 11.61 -21.46
N ILE A 140 15.98 12.15 -22.29
CA ILE A 140 14.72 11.53 -22.63
C ILE A 140 14.88 10.95 -24.03
N ASP A 141 14.69 9.64 -24.19
CA ASP A 141 14.82 8.99 -25.51
C ASP A 141 13.47 8.49 -26.02
N VAL A 142 13.14 8.83 -27.27
CA VAL A 142 11.90 8.38 -27.91
C VAL A 142 12.36 7.67 -29.19
N ASN A 143 12.41 6.34 -29.15
CA ASN A 143 12.84 5.53 -30.28
C ASN A 143 14.29 5.72 -30.77
N SER A 144 15.13 6.33 -29.94
CA SER A 144 16.54 6.55 -30.29
C SER A 144 17.37 7.01 -29.12
N VAL A 145 18.64 6.62 -29.11
CA VAL A 145 19.58 7.03 -28.07
C VAL A 145 20.14 8.40 -28.40
N ASP A 146 19.63 8.99 -29.48
CA ASP A 146 20.02 10.33 -29.86
C ASP A 146 18.90 11.05 -29.16
N SER A 147 19.16 11.43 -27.91
CA SER A 147 18.18 12.10 -27.07
C SER A 147 17.41 13.25 -27.66
N VAL A 148 16.11 13.24 -27.40
CA VAL A 148 15.23 14.29 -27.83
C VAL A 148 15.64 15.49 -26.97
N LYS A 149 15.99 15.21 -25.71
CA LYS A 149 16.36 16.25 -24.76
C LYS A 149 17.34 15.73 -23.72
N THR A 150 18.30 16.57 -23.33
CA THR A 150 19.28 16.19 -22.31
C THR A 150 19.51 17.33 -21.32
N VAL A 151 20.13 17.00 -20.19
CA VAL A 151 20.44 17.98 -19.17
C VAL A 151 21.75 17.46 -18.57
N PRO A 152 22.74 18.35 -18.36
CA PRO A 152 24.05 17.96 -17.78
C PRO A 152 23.92 17.37 -16.38
N TRP A 153 24.69 16.32 -16.15
CA TRP A 153 24.64 15.59 -14.91
C TRP A 153 26.06 15.15 -14.51
N ASN A 154 26.20 14.58 -13.33
CA ASN A 154 27.49 14.12 -12.89
C ASN A 154 27.31 12.79 -12.22
N SER A 155 28.02 11.78 -12.71
CA SER A 155 27.96 10.45 -12.16
C SER A 155 29.15 10.22 -11.23
N VAL A 156 28.86 10.12 -9.94
CA VAL A 156 29.88 9.90 -8.94
C VAL A 156 30.01 8.41 -8.64
N SER A 157 31.21 7.90 -8.79
CA SER A 157 31.50 6.48 -8.57
C SER A 157 31.19 6.01 -7.15
N GLY A 158 30.39 4.97 -7.06
CA GLY A 158 30.04 4.42 -5.76
C GLY A 158 28.94 5.20 -5.04
N ALA A 159 28.31 6.15 -5.73
CA ALA A 159 27.25 6.90 -5.07
C ALA A 159 25.88 6.37 -5.44
N VAL A 160 25.02 6.30 -4.42
CA VAL A 160 23.67 5.80 -4.56
C VAL A 160 22.78 6.94 -5.02
N VAL A 161 22.21 6.81 -6.22
CA VAL A 161 21.36 7.84 -6.80
C VAL A 161 19.90 7.45 -6.68
N LYS A 162 19.07 8.42 -6.32
CA LYS A 162 17.63 8.22 -6.21
C LYS A 162 17.00 8.95 -7.38
N VAL A 163 16.02 8.31 -8.01
CA VAL A 163 15.32 8.89 -9.16
C VAL A 163 13.81 8.74 -8.99
N THR A 164 13.07 9.80 -9.27
CA THR A 164 11.62 9.79 -9.17
C THR A 164 11.06 10.22 -10.52
N VAL A 165 10.14 9.45 -11.07
CA VAL A 165 9.56 9.78 -12.35
C VAL A 165 8.05 9.80 -12.26
N ILE A 166 7.42 10.75 -12.95
CA ILE A 166 5.96 10.88 -12.99
C ILE A 166 5.55 11.15 -14.43
N TYR A 167 4.45 10.53 -14.85
CA TYR A 167 3.93 10.74 -16.19
C TYR A 167 2.47 11.03 -15.98
N ASP A 168 2.03 12.19 -16.44
CA ASP A 168 0.66 12.60 -16.31
C ASP A 168 0.01 12.38 -17.66
N SER A 169 -0.98 11.52 -17.68
CA SER A 169 -1.71 11.20 -18.91
C SER A 169 -2.35 12.39 -19.60
N SER A 170 -2.82 13.37 -18.81
CA SER A 170 -3.50 14.55 -19.35
C SER A 170 -2.65 15.41 -20.24
N THR A 171 -1.58 15.93 -19.69
CA THR A 171 -0.65 16.78 -20.41
C THR A 171 0.35 15.97 -21.23
N LYS A 172 0.44 14.66 -20.92
CA LYS A 172 1.38 13.76 -21.56
C LYS A 172 2.80 14.15 -21.14
N THR A 173 2.93 14.66 -19.91
CA THR A 173 4.22 15.08 -19.39
C THR A 173 4.97 13.98 -18.63
N LEU A 174 6.21 13.78 -19.00
CA LEU A 174 7.05 12.79 -18.35
C LEU A 174 8.05 13.64 -17.56
N SER A 175 7.95 13.64 -16.24
CA SER A 175 8.89 14.42 -15.41
C SER A 175 9.81 13.52 -14.62
N VAL A 176 11.08 13.89 -14.57
CA VAL A 176 12.10 13.13 -13.84
C VAL A 176 12.74 14.07 -12.80
N ALA A 177 13.10 13.51 -11.65
CA ALA A 177 13.78 14.26 -10.59
C ALA A 177 14.90 13.33 -10.10
N VAL A 178 16.14 13.74 -10.30
CA VAL A 178 17.29 12.93 -9.90
C VAL A 178 17.97 13.52 -8.69
N THR A 179 18.21 12.70 -7.69
CA THR A 179 18.84 13.18 -6.50
C THR A 179 20.22 12.59 -6.35
N ASN A 180 21.21 13.47 -6.49
CA ASN A 180 22.61 13.08 -6.38
C ASN A 180 22.91 12.85 -4.91
N ASP A 181 23.88 12.00 -4.63
CA ASP A 181 24.21 11.70 -3.25
C ASP A 181 24.58 12.96 -2.45
N ASN A 182 25.10 13.98 -3.13
CA ASN A 182 25.51 15.22 -2.45
C ASN A 182 24.38 16.14 -1.97
N GLY A 183 23.14 15.85 -2.39
CA GLY A 183 22.02 16.67 -1.95
C GLY A 183 21.32 17.46 -3.05
N ASP A 184 22.06 17.79 -4.12
CA ASP A 184 21.51 18.55 -5.26
C ASP A 184 20.61 17.70 -6.15
N ILE A 185 19.55 18.31 -6.70
CA ILE A 185 18.62 17.61 -7.60
C ILE A 185 18.74 18.09 -9.05
N THR A 186 18.50 17.18 -9.98
CA THR A 186 18.54 17.46 -11.39
C THR A 186 17.18 17.04 -11.92
N THR A 187 16.43 17.96 -12.51
CA THR A 187 15.13 17.61 -13.05
C THR A 187 15.21 17.72 -14.57
N ILE A 188 14.31 17.02 -15.27
CA ILE A 188 14.23 17.08 -16.72
C ILE A 188 12.82 16.66 -17.09
N ALA A 189 12.25 17.26 -18.13
CA ALA A 189 10.88 16.92 -18.51
C ALA A 189 10.68 17.03 -20.01
N GLN A 190 9.60 16.43 -20.49
CA GLN A 190 9.32 16.45 -21.91
C GLN A 190 7.96 15.83 -22.17
N VAL A 191 7.20 16.40 -23.10
CA VAL A 191 5.89 15.83 -23.46
C VAL A 191 6.11 14.72 -24.46
N VAL A 192 5.70 13.51 -24.09
CA VAL A 192 5.85 12.34 -24.94
C VAL A 192 4.51 11.65 -25.01
N ASP A 193 4.03 11.43 -26.22
CA ASP A 193 2.75 10.76 -26.36
C ASP A 193 2.96 9.25 -26.49
N LEU A 194 2.83 8.56 -25.36
CA LEU A 194 2.97 7.11 -25.30
C LEU A 194 1.97 6.36 -26.19
N LYS A 195 0.73 6.86 -26.23
CA LYS A 195 -0.34 6.27 -27.03
C LYS A 195 0.00 6.23 -28.53
N ALA A 196 0.93 7.10 -28.92
CA ALA A 196 1.34 7.19 -30.31
C ALA A 196 2.65 6.46 -30.58
N LYS A 197 3.51 6.40 -29.58
CA LYS A 197 4.82 5.77 -29.76
C LYS A 197 4.91 4.32 -29.32
N LEU A 198 4.02 3.90 -28.43
CA LEU A 198 4.04 2.55 -27.93
C LEU A 198 2.67 1.90 -28.10
N PRO A 199 2.65 0.55 -28.13
CA PRO A 199 1.38 -0.15 -28.28
C PRO A 199 0.62 -0.15 -26.97
N GLU A 200 -0.57 -0.75 -26.95
CA GLU A 200 -1.41 -0.81 -25.77
C GLU A 200 -0.76 -1.45 -24.55
N ARG A 201 0.02 -2.51 -24.79
CA ARG A 201 0.68 -3.28 -23.75
C ARG A 201 2.19 -3.25 -23.86
N VAL A 202 2.83 -2.81 -22.78
CA VAL A 202 4.27 -2.70 -22.75
C VAL A 202 4.84 -3.31 -21.49
N LYS A 203 6.16 -3.35 -21.42
CA LYS A 203 6.84 -3.84 -20.25
C LYS A 203 7.85 -2.75 -19.92
N PHE A 204 8.07 -2.53 -18.62
CA PHE A 204 9.02 -1.55 -18.09
C PHE A 204 10.24 -2.29 -17.57
N GLY A 205 11.38 -1.59 -17.47
CA GLY A 205 12.58 -2.23 -16.96
C GLY A 205 13.79 -1.32 -17.05
N PHE A 206 14.99 -1.89 -16.92
CA PHE A 206 16.26 -1.15 -16.98
C PHE A 206 17.24 -1.92 -17.87
N SER A 207 18.16 -1.20 -18.51
CA SER A 207 19.19 -1.79 -19.38
C SER A 207 20.55 -1.15 -19.13
N ALA A 208 21.63 -1.88 -19.43
CA ALA A 208 22.97 -1.34 -19.24
C ALA A 208 23.93 -2.05 -20.17
N SER A 209 24.90 -1.32 -20.68
CA SER A 209 25.84 -1.89 -21.60
C SER A 209 27.25 -1.38 -21.41
N GLY A 210 28.18 -2.06 -22.06
CA GLY A 210 29.59 -1.72 -22.02
C GLY A 210 30.25 -2.16 -23.33
N SER A 211 31.50 -1.76 -23.56
CA SER A 211 32.22 -2.11 -24.79
C SER A 211 33.49 -2.91 -24.49
N LEU A 212 34.46 -2.85 -25.38
CA LEU A 212 35.72 -3.58 -25.16
C LEU A 212 36.51 -2.95 -24.03
N GLY A 213 36.61 -1.63 -24.05
CA GLY A 213 37.35 -0.90 -23.03
C GLY A 213 36.49 -0.07 -22.12
N GLY A 214 35.18 -0.04 -22.38
CA GLY A 214 34.29 0.73 -21.53
C GLY A 214 33.52 -0.24 -20.67
N ARG A 215 33.78 -0.24 -19.36
CA ARG A 215 33.12 -1.15 -18.45
C ARG A 215 33.11 -0.54 -17.06
N GLN A 216 32.06 -0.84 -16.32
CA GLN A 216 31.88 -0.36 -14.95
C GLN A 216 30.72 -1.13 -14.35
N ILE A 217 30.59 -1.06 -13.03
CA ILE A 217 29.52 -1.77 -12.33
C ILE A 217 28.23 -0.99 -12.41
N HIS A 218 27.17 -1.65 -12.87
CA HIS A 218 25.84 -1.05 -13.00
C HIS A 218 24.91 -1.82 -12.04
N LEU A 219 24.49 -1.17 -10.95
CA LEU A 219 23.63 -1.80 -9.96
C LEU A 219 22.23 -1.17 -9.79
N ILE A 220 21.22 -2.02 -9.71
CA ILE A 220 19.86 -1.56 -9.46
C ILE A 220 19.65 -2.04 -8.01
N ARG A 221 19.17 -1.14 -7.16
CA ARG A 221 18.94 -1.47 -5.74
C ARG A 221 17.48 -1.59 -5.30
N SER A 222 16.61 -0.75 -5.86
CA SER A 222 15.20 -0.81 -5.47
C SER A 222 14.31 -0.25 -6.57
N TRP A 223 13.05 -0.64 -6.56
CA TRP A 223 12.18 -0.14 -7.59
C TRP A 223 10.70 -0.31 -7.24
N SER A 224 10.03 0.82 -7.07
CA SER A 224 8.59 0.84 -6.77
C SER A 224 7.90 1.44 -7.98
N PHE A 225 6.75 0.90 -8.34
CA PHE A 225 6.03 1.38 -9.51
C PHE A 225 4.54 1.26 -9.24
N THR A 226 3.77 2.23 -9.75
CA THR A 226 2.31 2.28 -9.62
C THR A 226 1.80 3.07 -10.82
N SER A 227 0.83 2.51 -11.55
CA SER A 227 0.22 3.15 -12.71
C SER A 227 -1.27 2.97 -12.60
N THR A 228 -2.06 3.95 -13.03
CA THR A 228 -3.51 3.84 -12.96
C THR A 228 -4.13 4.25 -14.28
N LEU A 229 -5.04 3.43 -14.78
CA LEU A 229 -5.75 3.71 -16.03
C LEU A 229 -7.21 3.87 -15.71
N ILE A 230 -7.78 5.00 -16.13
CA ILE A 230 -9.20 5.23 -15.90
C ILE A 230 -9.99 4.32 -16.83
N THR A 231 -10.80 3.45 -16.25
CA THR A 231 -11.60 2.50 -17.01
C THR A 231 -13.07 2.89 -17.03
N THR A 232 -13.40 3.87 -17.87
CA THR A 232 -14.77 4.34 -18.01
C THR A 232 -14.80 5.56 -18.92
N ALA B 1 12.61 -9.74 1.66
CA ALA B 1 11.57 -10.78 1.38
C ALA B 1 10.95 -10.58 -0.01
N GLU B 2 10.33 -11.63 -0.52
CA GLU B 2 9.67 -11.62 -1.83
C GLU B 2 8.16 -11.45 -1.62
N THR B 3 7.62 -10.27 -1.93
CA THR B 3 6.19 -10.03 -1.75
C THR B 3 5.42 -9.76 -3.04
N VAL B 4 4.23 -10.34 -3.11
CA VAL B 4 3.34 -10.19 -4.26
C VAL B 4 2.04 -9.61 -3.72
N SER B 5 1.60 -8.48 -4.26
CA SER B 5 0.34 -7.91 -3.81
C SER B 5 -0.40 -7.19 -4.91
N PHE B 6 -1.71 -7.35 -4.90
CA PHE B 6 -2.55 -6.72 -5.89
C PHE B 6 -3.90 -6.41 -5.26
N ASN B 7 -4.64 -5.52 -5.89
CA ASN B 7 -5.93 -5.14 -5.37
C ASN B 7 -6.87 -4.72 -6.46
N PHE B 8 -7.89 -5.53 -6.67
CA PHE B 8 -8.91 -5.25 -7.66
C PHE B 8 -10.15 -4.80 -6.92
N ASN B 9 -10.66 -3.64 -7.30
CA ASN B 9 -11.88 -3.10 -6.71
C ASN B 9 -12.99 -3.23 -7.74
N SER B 10 -12.58 -3.50 -8.97
CA SER B 10 -13.48 -3.68 -10.10
C SER B 10 -12.62 -4.33 -11.16
N PHE B 11 -13.25 -5.07 -12.07
CA PHE B 11 -12.55 -5.76 -13.13
C PHE B 11 -12.93 -5.22 -14.50
N SER B 12 -12.12 -5.56 -15.49
CA SER B 12 -12.33 -5.12 -16.86
C SER B 12 -11.74 -6.13 -17.83
N GLU B 13 -12.28 -6.17 -19.03
CA GLU B 13 -11.76 -7.10 -20.03
C GLU B 13 -10.43 -6.54 -20.53
N GLY B 14 -9.63 -7.38 -21.18
CA GLY B 14 -8.35 -6.94 -21.72
C GLY B 14 -7.28 -6.48 -20.75
N ASN B 15 -7.36 -6.92 -19.49
CA ASN B 15 -6.37 -6.56 -18.49
C ASN B 15 -5.40 -7.74 -18.34
N PRO B 16 -4.13 -7.57 -18.77
CA PRO B 16 -3.10 -8.61 -18.71
C PRO B 16 -2.79 -9.20 -17.34
N ALA B 17 -3.43 -8.68 -16.30
CA ALA B 17 -3.21 -9.18 -14.95
C ALA B 17 -4.18 -10.28 -14.57
N ILE B 18 -5.04 -10.66 -15.51
CA ILE B 18 -6.02 -11.70 -15.23
C ILE B 18 -6.18 -12.67 -16.39
N ASN B 19 -6.48 -13.93 -16.08
CA ASN B 19 -6.72 -14.95 -17.09
C ASN B 19 -8.18 -15.27 -16.92
N PHE B 20 -8.90 -15.31 -18.02
CA PHE B 20 -10.31 -15.68 -17.99
C PHE B 20 -10.30 -17.03 -18.65
N GLN B 21 -11.02 -17.98 -18.06
CA GLN B 21 -11.09 -19.31 -18.63
C GLN B 21 -12.55 -19.69 -18.66
N GLY B 22 -13.02 -20.22 -19.78
CA GLY B 22 -14.42 -20.63 -19.86
C GLY B 22 -15.48 -19.57 -20.05
N ASP B 23 -16.63 -19.75 -19.41
CA ASP B 23 -17.78 -18.83 -19.51
C ASP B 23 -17.76 -17.49 -18.80
N VAL B 24 -16.63 -17.10 -18.25
CA VAL B 24 -16.49 -15.83 -17.52
C VAL B 24 -16.80 -14.65 -18.43
N THR B 25 -17.41 -13.61 -17.87
CA THR B 25 -17.76 -12.41 -18.63
C THR B 25 -17.75 -11.17 -17.71
N VAL B 26 -17.08 -10.10 -18.12
CA VAL B 26 -17.02 -8.91 -17.29
C VAL B 26 -18.27 -8.04 -17.52
N LEU B 27 -18.96 -7.71 -16.44
CA LEU B 27 -20.16 -6.89 -16.53
C LEU B 27 -19.80 -5.40 -16.65
N SER B 28 -20.78 -4.61 -17.08
CA SER B 28 -20.60 -3.18 -17.25
C SER B 28 -20.29 -2.46 -15.93
N ASN B 29 -20.65 -3.08 -14.81
CA ASN B 29 -20.42 -2.49 -13.50
C ASN B 29 -19.09 -2.89 -12.87
N GLY B 30 -18.28 -3.62 -13.63
CA GLY B 30 -16.98 -4.04 -13.13
C GLY B 30 -16.99 -5.39 -12.44
N ASN B 31 -18.16 -6.02 -12.36
CA ASN B 31 -18.23 -7.33 -11.72
C ASN B 31 -17.89 -8.42 -12.72
N ILE B 32 -17.44 -9.56 -12.19
CA ILE B 32 -17.11 -10.70 -13.03
C ILE B 32 -18.21 -11.70 -12.79
N GLN B 33 -18.86 -12.11 -13.86
CA GLN B 33 -19.92 -13.09 -13.77
C GLN B 33 -19.33 -14.37 -14.31
N LEU B 34 -19.12 -15.33 -13.43
CA LEU B 34 -18.49 -16.60 -13.75
C LEU B 34 -19.13 -17.57 -14.73
N THR B 35 -20.43 -17.81 -14.60
CA THR B 35 -21.07 -18.75 -15.52
C THR B 35 -22.10 -18.10 -16.41
N ASN B 36 -22.42 -18.79 -17.51
CA ASN B 36 -23.39 -18.33 -18.50
C ASN B 36 -24.72 -18.99 -18.16
N LEU B 37 -25.76 -18.20 -17.93
CA LEU B 37 -27.07 -18.73 -17.58
C LEU B 37 -27.77 -19.55 -18.66
N ASN B 38 -27.32 -19.40 -19.91
CA ASN B 38 -27.95 -20.12 -21.04
C ASN B 38 -27.20 -21.34 -21.52
N LYS B 39 -26.14 -21.71 -20.80
CA LYS B 39 -25.35 -22.88 -21.18
C LYS B 39 -25.44 -24.04 -20.22
N VAL B 40 -25.55 -25.24 -20.78
CA VAL B 40 -25.60 -26.45 -20.00
C VAL B 40 -24.20 -26.76 -19.49
N ASN B 41 -24.10 -27.08 -18.20
CA ASN B 41 -22.82 -27.43 -17.59
C ASN B 41 -21.76 -26.34 -17.75
N SER B 42 -22.21 -25.10 -17.67
CA SER B 42 -21.35 -23.92 -17.81
C SER B 42 -20.29 -23.86 -16.72
N VAL B 43 -19.06 -23.56 -17.13
CA VAL B 43 -17.96 -23.45 -16.19
C VAL B 43 -17.23 -22.18 -16.57
N GLY B 44 -16.88 -21.38 -15.58
CA GLY B 44 -16.17 -20.14 -15.81
C GLY B 44 -15.22 -19.95 -14.66
N ARG B 45 -13.95 -19.69 -14.97
CA ARG B 45 -12.91 -19.50 -13.96
C ARG B 45 -12.11 -18.23 -14.28
N VAL B 46 -11.60 -17.57 -13.24
CA VAL B 46 -10.80 -16.37 -13.40
C VAL B 46 -9.52 -16.55 -12.57
N LEU B 47 -8.35 -16.37 -13.18
CA LEU B 47 -7.08 -16.55 -12.48
C LEU B 47 -6.23 -15.30 -12.50
N TYR B 48 -5.39 -15.10 -11.49
CA TYR B 48 -4.49 -13.96 -11.52
C TYR B 48 -3.45 -14.45 -12.52
N ALA B 49 -3.07 -13.59 -13.46
CA ALA B 49 -2.12 -13.93 -14.52
C ALA B 49 -0.72 -14.37 -14.11
N MET B 50 -0.07 -13.61 -13.25
CA MET B 50 1.27 -13.95 -12.82
C MET B 50 1.29 -15.11 -11.84
N PRO B 51 2.14 -16.12 -12.10
CA PRO B 51 2.19 -17.25 -11.19
C PRO B 51 2.97 -16.79 -9.98
N VAL B 52 2.51 -17.20 -8.81
CA VAL B 52 3.13 -16.85 -7.53
C VAL B 52 3.98 -18.06 -7.10
N ARG B 53 5.17 -17.79 -6.59
CA ARG B 53 6.07 -18.84 -6.12
C ARG B 53 5.81 -18.96 -4.62
N ILE B 54 5.00 -19.95 -4.23
CA ILE B 54 4.66 -20.14 -2.83
C ILE B 54 5.67 -20.81 -1.93
N TRP B 55 6.61 -21.56 -2.50
CA TRP B 55 7.65 -22.20 -1.68
C TRP B 55 8.90 -22.46 -2.49
N SER B 56 10.03 -22.33 -1.82
CA SER B 56 11.31 -22.49 -2.46
C SER B 56 11.93 -23.84 -2.14
N SER B 57 12.44 -24.51 -3.17
CA SER B 57 13.10 -25.82 -3.03
C SER B 57 14.52 -25.63 -2.46
N ALA B 58 15.11 -24.48 -2.73
CA ALA B 58 16.46 -24.16 -2.27
C ALA B 58 16.52 -23.82 -0.78
N THR B 59 15.52 -23.11 -0.27
CA THR B 59 15.45 -22.73 1.15
C THR B 59 14.47 -23.61 1.91
N GLY B 60 13.56 -24.25 1.19
CA GLY B 60 12.57 -25.09 1.82
C GLY B 60 11.50 -24.25 2.48
N ASN B 61 11.53 -22.95 2.16
CA ASN B 61 10.56 -22.03 2.73
C ASN B 61 9.25 -22.02 2.01
N VAL B 62 8.19 -21.71 2.77
CA VAL B 62 6.83 -21.62 2.25
C VAL B 62 6.32 -20.21 2.57
N ALA B 63 5.43 -19.71 1.73
CA ALA B 63 4.88 -18.38 1.87
C ALA B 63 3.65 -18.28 2.75
N SER B 64 3.48 -17.10 3.32
CA SER B 64 2.34 -16.82 4.13
C SER B 64 1.52 -15.91 3.23
N PHE B 65 0.21 -15.88 3.42
CA PHE B 65 -0.60 -14.99 2.62
C PHE B 65 -1.88 -14.52 3.29
N LEU B 66 -2.25 -13.29 2.96
CA LEU B 66 -3.47 -12.66 3.45
C LEU B 66 -4.25 -12.21 2.22
N THR B 67 -5.48 -12.68 2.08
CA THR B 67 -6.31 -12.34 0.92
C THR B 67 -7.76 -12.12 1.37
N SER B 68 -8.40 -11.09 0.82
CA SER B 68 -9.77 -10.80 1.18
C SER B 68 -10.52 -10.63 -0.14
N PHE B 69 -11.80 -10.99 -0.17
CA PHE B 69 -12.60 -10.87 -1.39
C PHE B 69 -14.11 -10.92 -1.11
N SER B 70 -14.92 -10.37 -2.03
CA SER B 70 -16.38 -10.39 -1.85
C SER B 70 -17.06 -10.92 -3.09
N PHE B 71 -18.13 -11.70 -2.89
CA PHE B 71 -18.89 -12.28 -3.99
C PHE B 71 -20.39 -12.19 -3.73
N GLU B 72 -21.19 -12.59 -4.72
CA GLU B 72 -22.64 -12.55 -4.62
C GLU B 72 -23.28 -13.63 -5.48
N MET B 73 -24.16 -14.41 -4.89
CA MET B 73 -24.86 -15.46 -5.62
C MET B 73 -26.34 -15.03 -5.69
N LYS B 74 -26.94 -15.12 -6.86
CA LYS B 74 -28.32 -14.69 -7.05
C LYS B 74 -29.17 -15.70 -7.83
N ASP B 75 -30.37 -15.96 -7.33
CA ASP B 75 -31.27 -16.91 -7.97
C ASP B 75 -31.84 -16.38 -9.27
N ILE B 76 -32.00 -17.27 -10.24
CA ILE B 76 -32.62 -16.92 -11.50
C ILE B 76 -33.87 -17.78 -11.53
N LYS B 77 -34.89 -17.30 -12.20
CA LYS B 77 -36.14 -18.01 -12.29
C LYS B 77 -36.04 -19.37 -13.00
N ASP B 78 -36.80 -20.34 -12.49
CA ASP B 78 -36.87 -21.69 -13.06
C ASP B 78 -35.74 -22.67 -12.84
N TYR B 79 -34.57 -22.17 -12.45
CA TYR B 79 -33.44 -23.05 -12.24
C TYR B 79 -33.05 -23.14 -10.77
N ASP B 80 -32.47 -24.27 -10.39
CA ASP B 80 -32.06 -24.49 -9.02
C ASP B 80 -30.79 -23.69 -8.78
N PRO B 81 -30.73 -22.97 -7.66
CA PRO B 81 -29.53 -22.19 -7.36
C PRO B 81 -28.36 -23.13 -7.08
N ALA B 82 -27.60 -23.44 -8.13
CA ALA B 82 -26.44 -24.34 -8.01
C ALA B 82 -25.34 -23.82 -8.95
N ASP B 83 -24.08 -24.21 -8.73
CA ASP B 83 -23.63 -25.08 -7.65
C ASP B 83 -22.80 -24.38 -6.58
N GLY B 84 -22.26 -23.21 -6.89
CA GLY B 84 -21.48 -22.51 -5.90
C GLY B 84 -20.17 -22.00 -6.45
N ILE B 85 -19.39 -21.33 -5.58
CA ILE B 85 -18.12 -20.77 -5.98
C ILE B 85 -16.99 -21.46 -5.22
N ILE B 86 -15.78 -21.37 -5.76
CA ILE B 86 -14.62 -21.93 -5.09
C ILE B 86 -13.38 -21.11 -5.37
N PHE B 87 -12.70 -20.73 -4.29
CA PHE B 87 -11.45 -19.99 -4.34
C PHE B 87 -10.39 -21.08 -4.31
N PHE B 88 -9.55 -21.17 -5.35
CA PHE B 88 -8.53 -22.21 -5.39
C PHE B 88 -7.11 -21.77 -5.71
N ILE B 89 -6.19 -22.70 -5.50
CA ILE B 89 -4.75 -22.55 -5.75
C ILE B 89 -4.44 -23.82 -6.56
N ALA B 90 -3.73 -23.67 -7.67
CA ALA B 90 -3.40 -24.82 -8.53
C ALA B 90 -2.13 -24.58 -9.33
N PRO B 91 -1.52 -25.64 -9.91
CA PRO B 91 -0.29 -25.46 -10.70
C PRO B 91 -0.47 -24.38 -11.78
N GLU B 92 0.62 -23.75 -12.22
CA GLU B 92 0.51 -22.71 -13.23
C GLU B 92 -0.06 -23.17 -14.56
N ASP B 93 0.09 -24.45 -14.86
CA ASP B 93 -0.46 -24.98 -16.09
C ASP B 93 -1.95 -25.37 -15.93
N THR B 94 -2.59 -24.91 -14.87
CA THR B 94 -3.99 -25.28 -14.65
C THR B 94 -4.98 -24.86 -15.75
N GLN B 95 -5.90 -25.77 -16.09
CA GLN B 95 -6.94 -25.55 -17.11
C GLN B 95 -8.24 -26.23 -16.66
N ILE B 96 -9.38 -25.78 -17.18
CA ILE B 96 -10.67 -26.38 -16.84
C ILE B 96 -10.61 -27.81 -17.36
N PRO B 97 -10.93 -28.80 -16.51
CA PRO B 97 -10.92 -30.23 -16.83
C PRO B 97 -11.58 -30.59 -18.17
N ALA B 98 -10.87 -31.38 -18.98
CA ALA B 98 -11.39 -31.79 -20.27
C ALA B 98 -12.69 -32.56 -20.04
N GLY B 99 -13.70 -32.20 -20.82
CA GLY B 99 -14.99 -32.86 -20.69
C GLY B 99 -15.63 -32.63 -19.33
N SER B 100 -15.32 -31.50 -18.70
CA SER B 100 -15.87 -31.18 -17.39
C SER B 100 -17.41 -31.12 -17.46
N ILE B 101 -18.08 -31.76 -16.51
CA ILE B 101 -19.53 -31.76 -16.47
C ILE B 101 -20.05 -30.57 -15.66
N GLY B 102 -19.13 -29.77 -15.13
CA GLY B 102 -19.53 -28.63 -14.32
C GLY B 102 -20.29 -29.22 -13.15
N GLY B 103 -21.40 -28.59 -12.77
CA GLY B 103 -22.16 -29.11 -11.66
C GLY B 103 -21.36 -29.17 -10.38
N GLY B 104 -21.57 -30.23 -9.59
CA GLY B 104 -20.89 -30.40 -8.33
C GLY B 104 -19.38 -30.52 -8.39
N THR B 105 -18.81 -30.53 -9.60
CA THR B 105 -17.36 -30.63 -9.79
C THR B 105 -16.71 -29.26 -9.53
N LEU B 106 -17.56 -28.23 -9.50
CA LEU B 106 -17.20 -26.83 -9.26
C LEU B 106 -16.25 -26.21 -10.30
N GLY B 107 -16.05 -26.88 -11.43
CA GLY B 107 -15.15 -26.40 -12.45
C GLY B 107 -13.68 -26.76 -12.21
N VAL B 108 -13.37 -27.41 -11.09
CA VAL B 108 -11.96 -27.74 -10.79
C VAL B 108 -11.55 -29.21 -10.68
N SER B 109 -12.48 -30.13 -10.86
CA SER B 109 -12.17 -31.55 -10.73
C SER B 109 -12.76 -32.41 -11.86
N ASP B 110 -12.52 -33.71 -11.81
CA ASP B 110 -13.03 -34.62 -12.82
C ASP B 110 -14.36 -35.16 -12.32
N THR B 111 -14.97 -36.06 -13.06
CA THR B 111 -16.25 -36.64 -12.66
C THR B 111 -16.30 -37.19 -11.23
N LYS B 112 -15.25 -37.89 -10.83
CA LYS B 112 -15.17 -38.47 -9.49
C LYS B 112 -15.00 -37.39 -8.42
N GLY B 113 -14.62 -36.19 -8.86
CA GLY B 113 -14.39 -35.09 -7.95
C GLY B 113 -12.92 -34.95 -7.56
N ALA B 114 -12.04 -35.57 -8.33
CA ALA B 114 -10.60 -35.52 -8.09
C ALA B 114 -9.97 -34.45 -8.98
N GLY B 115 -8.92 -33.83 -8.46
CA GLY B 115 -8.23 -32.81 -9.19
C GLY B 115 -6.98 -32.46 -8.44
N HIS B 116 -6.19 -31.53 -8.99
CA HIS B 116 -4.97 -31.08 -8.36
C HIS B 116 -5.17 -29.62 -8.05
N PHE B 117 -5.54 -29.35 -6.81
CA PHE B 117 -5.81 -27.99 -6.37
C PHE B 117 -6.03 -28.01 -4.86
N VAL B 118 -6.14 -26.82 -4.27
CA VAL B 118 -6.41 -26.65 -2.85
C VAL B 118 -7.29 -25.40 -2.80
N GLY B 119 -8.35 -25.41 -2.02
CA GLY B 119 -9.19 -24.23 -1.98
C GLY B 119 -10.38 -24.28 -1.06
N VAL B 120 -11.07 -23.15 -0.97
CA VAL B 120 -12.23 -23.00 -0.11
C VAL B 120 -13.47 -22.89 -0.96
N GLU B 121 -14.46 -23.75 -0.72
CA GLU B 121 -15.68 -23.70 -1.50
C GLU B 121 -16.83 -23.12 -0.68
N PHE B 122 -17.84 -22.65 -1.41
CA PHE B 122 -19.06 -22.09 -0.85
C PHE B 122 -20.04 -22.85 -1.71
N ASP B 123 -20.47 -23.98 -1.16
CA ASP B 123 -21.34 -24.92 -1.84
C ASP B 123 -22.83 -24.70 -1.59
N THR B 124 -23.60 -24.50 -2.65
CA THR B 124 -25.04 -24.28 -2.53
C THR B 124 -25.90 -25.45 -3.04
N TYR B 125 -25.26 -26.61 -3.24
CA TYR B 125 -25.97 -27.80 -3.65
C TYR B 125 -25.26 -29.03 -3.12
N SER B 126 -26.03 -29.86 -2.42
CA SER B 126 -25.53 -31.08 -1.80
C SER B 126 -25.52 -32.26 -2.78
N ASN B 127 -24.30 -32.59 -3.22
CA ASN B 127 -24.03 -33.68 -4.15
C ASN B 127 -23.65 -34.89 -3.33
N SER B 128 -24.59 -35.81 -3.16
CA SER B 128 -24.32 -37.01 -2.38
C SER B 128 -23.12 -37.80 -2.93
N GLU B 129 -22.89 -37.70 -4.25
CA GLU B 129 -21.78 -38.39 -4.92
C GLU B 129 -20.38 -37.91 -4.51
N TYR B 130 -20.31 -36.75 -3.85
CA TYR B 130 -19.04 -36.21 -3.37
C TYR B 130 -19.11 -36.07 -1.86
N ASN B 131 -20.10 -36.71 -1.25
CA ASN B 131 -20.31 -36.69 0.20
C ASN B 131 -20.56 -35.29 0.76
N ASP B 132 -21.39 -34.53 0.08
CA ASP B 132 -21.72 -33.18 0.53
C ASP B 132 -22.62 -33.18 1.76
N PRO B 133 -22.48 -32.15 2.60
CA PRO B 133 -23.31 -32.05 3.80
C PRO B 133 -24.72 -31.77 3.27
N PRO B 134 -25.75 -32.04 4.09
CA PRO B 134 -27.12 -31.79 3.65
C PRO B 134 -27.52 -30.33 3.44
N THR B 135 -26.70 -29.39 3.91
CA THR B 135 -27.01 -27.96 3.79
C THR B 135 -25.92 -27.23 3.03
N ASP B 136 -26.15 -25.94 2.79
CA ASP B 136 -25.15 -25.10 2.13
C ASP B 136 -23.98 -25.21 3.10
N HIS B 137 -22.77 -25.07 2.59
CA HIS B 137 -21.62 -25.21 3.46
C HIS B 137 -20.40 -24.63 2.82
N VAL B 138 -19.45 -24.26 3.67
CA VAL B 138 -18.17 -23.73 3.25
C VAL B 138 -17.24 -24.92 3.50
N GLY B 139 -16.29 -25.17 2.61
CA GLY B 139 -15.40 -26.31 2.81
C GLY B 139 -13.95 -26.07 2.41
N ILE B 140 -13.03 -26.87 2.96
CA ILE B 140 -11.62 -26.79 2.64
C ILE B 140 -11.33 -28.01 1.79
N ASP B 141 -10.86 -27.81 0.56
CA ASP B 141 -10.56 -28.90 -0.36
C ASP B 141 -9.08 -29.06 -0.72
N VAL B 142 -8.59 -30.28 -0.66
CA VAL B 142 -7.21 -30.59 -1.00
C VAL B 142 -7.28 -31.73 -2.00
N ASN B 143 -7.10 -31.40 -3.28
CA ASN B 143 -7.14 -32.33 -4.40
C ASN B 143 -8.46 -33.11 -4.60
N SER B 144 -9.58 -32.54 -4.13
CA SER B 144 -10.91 -33.17 -4.29
C SER B 144 -12.07 -32.35 -3.71
N VAL B 145 -13.23 -32.38 -4.39
CA VAL B 145 -14.39 -31.64 -3.88
C VAL B 145 -15.03 -32.35 -2.69
N ASP B 146 -14.55 -33.56 -2.41
CA ASP B 146 -15.03 -34.32 -1.29
C ASP B 146 -14.23 -33.70 -0.15
N SER B 147 -14.76 -32.57 0.33
CA SER B 147 -14.14 -31.78 1.37
C SER B 147 -13.51 -32.51 2.53
N VAL B 148 -12.33 -32.05 2.90
CA VAL B 148 -11.59 -32.56 4.02
C VAL B 148 -12.35 -32.17 5.30
N LYS B 149 -12.95 -31.00 5.25
CA LYS B 149 -13.67 -30.48 6.41
C LYS B 149 -14.69 -29.45 5.93
N THR B 150 -15.89 -29.44 6.53
CA THR B 150 -16.92 -28.47 6.14
C THR B 150 -17.60 -27.88 7.35
N VAL B 151 -18.24 -26.73 7.17
CA VAL B 151 -18.95 -26.05 8.24
C VAL B 151 -20.27 -25.57 7.65
N PRO B 152 -21.40 -25.91 8.30
CA PRO B 152 -22.74 -25.51 7.83
C PRO B 152 -22.82 -23.99 7.57
N TRP B 153 -23.44 -23.60 6.46
CA TRP B 153 -23.54 -22.19 6.10
C TRP B 153 -24.86 -21.91 5.38
N ASN B 154 -25.12 -20.65 5.09
CA ASN B 154 -26.36 -20.28 4.43
C ASN B 154 -26.14 -19.23 3.36
N SER B 155 -26.39 -19.61 2.11
CA SER B 155 -26.21 -18.70 1.00
C SER B 155 -27.48 -17.87 0.73
N VAL B 156 -27.42 -16.59 1.09
CA VAL B 156 -28.58 -15.73 0.88
C VAL B 156 -28.52 -15.10 -0.50
N SER B 157 -29.60 -15.27 -1.24
CA SER B 157 -29.72 -14.76 -2.61
C SER B 157 -29.60 -13.24 -2.67
N GLY B 158 -28.70 -12.77 -3.52
CA GLY B 158 -28.51 -11.34 -3.67
C GLY B 158 -27.80 -10.70 -2.49
N ALA B 159 -27.14 -11.51 -1.68
CA ALA B 159 -26.42 -11.00 -0.54
C ALA B 159 -24.94 -10.91 -0.84
N VAL B 160 -24.31 -9.79 -0.48
CA VAL B 160 -22.88 -9.64 -0.70
C VAL B 160 -22.19 -10.29 0.47
N VAL B 161 -21.32 -11.25 0.19
CA VAL B 161 -20.58 -11.93 1.23
C VAL B 161 -19.10 -11.57 1.17
N LYS B 162 -18.54 -11.21 2.33
CA LYS B 162 -17.13 -10.84 2.43
C LYS B 162 -16.40 -11.98 3.07
N VAL B 163 -15.26 -12.32 2.52
CA VAL B 163 -14.46 -13.40 3.04
C VAL B 163 -13.03 -12.90 3.23
N THR B 164 -12.37 -13.47 4.24
CA THR B 164 -10.97 -13.15 4.55
C THR B 164 -10.28 -14.49 4.82
N VAL B 165 -9.09 -14.69 4.26
CA VAL B 165 -8.33 -15.94 4.39
C VAL B 165 -6.89 -15.67 4.81
N ILE B 166 -6.35 -16.46 5.74
CA ILE B 166 -4.96 -16.30 6.23
C ILE B 166 -4.19 -17.62 6.21
N TYR B 167 -3.06 -17.67 5.54
CA TYR B 167 -2.27 -18.89 5.54
C TYR B 167 -0.96 -18.60 6.24
N ASP B 168 -0.72 -19.28 7.36
CA ASP B 168 0.52 -19.12 8.14
C ASP B 168 1.55 -20.24 7.87
N SER B 169 2.60 -19.89 7.14
CA SER B 169 3.64 -20.84 6.76
C SER B 169 4.18 -21.74 7.85
N SER B 170 4.36 -21.20 9.06
CA SER B 170 4.87 -21.99 10.18
C SER B 170 3.96 -23.16 10.51
N THR B 171 2.79 -22.85 11.06
CA THR B 171 1.82 -23.86 11.45
C THR B 171 1.16 -24.52 10.24
N LYS B 172 1.33 -23.92 9.07
CA LYS B 172 0.73 -24.43 7.83
C LYS B 172 -0.79 -24.42 7.93
N THR B 173 -1.31 -23.46 8.70
CA THR B 173 -2.73 -23.32 8.91
C THR B 173 -3.39 -22.36 7.91
N LEU B 174 -4.57 -22.75 7.44
CA LEU B 174 -5.34 -21.97 6.50
C LEU B 174 -6.66 -21.57 7.18
N SER B 175 -6.77 -20.30 7.56
CA SER B 175 -7.92 -19.74 8.25
C SER B 175 -8.82 -18.99 7.32
N VAL B 176 -10.14 -19.15 7.50
CA VAL B 176 -11.13 -18.48 6.68
C VAL B 176 -12.20 -17.89 7.58
N ALA B 177 -12.54 -16.63 7.35
CA ALA B 177 -13.57 -15.93 8.13
C ALA B 177 -14.59 -15.34 7.15
N VAL B 178 -15.79 -15.91 7.14
CA VAL B 178 -16.87 -15.48 6.26
C VAL B 178 -17.86 -14.59 7.00
N THR B 179 -18.16 -13.43 6.43
CA THR B 179 -19.10 -12.52 7.07
C THR B 179 -20.38 -12.40 6.27
N ASN B 180 -21.45 -13.00 6.81
CA ASN B 180 -22.76 -12.94 6.17
C ASN B 180 -23.37 -11.56 6.26
N ASP B 181 -24.16 -11.21 5.25
CA ASP B 181 -24.81 -9.90 5.16
C ASP B 181 -25.55 -9.52 6.43
N ASN B 182 -26.05 -10.52 7.16
CA ASN B 182 -26.77 -10.24 8.39
C ASN B 182 -25.85 -9.86 9.56
N GLY B 183 -24.55 -10.04 9.40
CA GLY B 183 -23.63 -9.71 10.46
C GLY B 183 -22.92 -10.86 11.16
N ASP B 184 -23.46 -12.07 11.07
CA ASP B 184 -22.83 -13.24 11.73
C ASP B 184 -21.59 -13.75 10.98
N ILE B 185 -20.60 -14.27 11.71
CA ILE B 185 -19.38 -14.81 11.09
C ILE B 185 -19.30 -16.33 11.15
N THR B 186 -18.82 -16.94 10.08
CA THR B 186 -18.65 -18.38 10.04
C THR B 186 -17.15 -18.60 9.78
N THR B 187 -16.43 -19.24 10.71
CA THR B 187 -14.98 -19.50 10.53
C THR B 187 -14.70 -20.97 10.39
N ILE B 188 -13.67 -21.30 9.64
CA ILE B 188 -13.28 -22.69 9.46
C ILE B 188 -11.77 -22.66 9.24
N ALA B 189 -11.06 -23.64 9.79
CA ALA B 189 -9.61 -23.70 9.65
C ALA B 189 -9.18 -25.14 9.48
N GLN B 190 -7.96 -25.33 8.98
CA GLN B 190 -7.42 -26.65 8.74
C GLN B 190 -5.93 -26.50 8.38
N VAL B 191 -5.13 -27.47 8.78
CA VAL B 191 -3.71 -27.46 8.47
C VAL B 191 -3.54 -28.16 7.13
N VAL B 192 -3.08 -27.42 6.13
CA VAL B 192 -2.84 -27.99 4.80
C VAL B 192 -1.41 -27.60 4.48
N ASP B 193 -0.58 -28.60 4.15
CA ASP B 193 0.81 -28.34 3.82
C ASP B 193 0.96 -28.16 2.31
N LEU B 194 0.92 -26.90 1.87
CA LEU B 194 1.03 -26.52 0.46
C LEU B 194 2.31 -27.00 -0.21
N LYS B 195 3.40 -26.99 0.55
CA LYS B 195 4.69 -27.43 0.04
C LYS B 195 4.62 -28.84 -0.52
N ALA B 196 3.81 -29.69 0.11
CA ALA B 196 3.68 -31.07 -0.30
C ALA B 196 2.55 -31.35 -1.28
N LYS B 197 1.55 -30.46 -1.37
CA LYS B 197 0.40 -30.65 -2.25
C LYS B 197 0.45 -29.92 -3.59
N LEU B 198 1.16 -28.80 -3.65
CA LEU B 198 1.28 -27.99 -4.86
C LEU B 198 2.75 -27.76 -5.19
N PRO B 199 3.06 -27.56 -6.49
CA PRO B 199 4.45 -27.32 -6.92
C PRO B 199 4.95 -25.96 -6.44
N GLU B 200 6.19 -25.61 -6.78
CA GLU B 200 6.73 -24.32 -6.34
C GLU B 200 5.94 -23.09 -6.81
N ARG B 201 5.51 -23.08 -8.06
CA ARG B 201 4.75 -21.96 -8.62
C ARG B 201 3.30 -22.34 -8.88
N VAL B 202 2.38 -21.47 -8.47
CA VAL B 202 0.97 -21.75 -8.65
C VAL B 202 0.20 -20.50 -9.09
N LYS B 203 -1.09 -20.68 -9.32
CA LYS B 203 -1.95 -19.57 -9.72
C LYS B 203 -3.20 -19.60 -8.85
N PHE B 204 -3.59 -18.42 -8.36
CA PHE B 204 -4.76 -18.26 -7.53
C PHE B 204 -5.87 -17.81 -8.45
N GLY B 205 -7.10 -18.19 -8.11
CA GLY B 205 -8.24 -17.82 -8.92
C GLY B 205 -9.53 -18.36 -8.33
N PHE B 206 -10.64 -17.98 -8.93
CA PHE B 206 -11.97 -18.40 -8.51
C PHE B 206 -12.60 -19.20 -9.64
N SER B 207 -13.52 -20.09 -9.28
CA SER B 207 -14.24 -20.89 -10.26
C SER B 207 -15.69 -21.07 -9.83
N ALA B 208 -16.53 -21.46 -10.77
CA ALA B 208 -17.93 -21.69 -10.50
C ALA B 208 -18.51 -22.60 -11.60
N SER B 209 -19.63 -23.24 -11.31
CA SER B 209 -20.23 -24.11 -12.31
C SER B 209 -21.73 -24.26 -12.17
N GLY B 210 -22.33 -24.88 -13.17
CA GLY B 210 -23.75 -25.13 -13.19
C GLY B 210 -24.02 -26.41 -13.95
N SER B 211 -25.26 -26.86 -13.91
CA SER B 211 -25.67 -28.06 -14.62
C SER B 211 -26.77 -27.60 -15.53
N LEU B 212 -27.55 -28.55 -16.03
CA LEU B 212 -28.67 -28.28 -16.92
C LEU B 212 -29.79 -27.58 -16.15
N GLY B 213 -30.13 -28.11 -14.98
CA GLY B 213 -31.18 -27.54 -14.18
C GLY B 213 -30.68 -26.62 -13.09
N GLY B 214 -29.38 -26.66 -12.83
CA GLY B 214 -28.80 -25.82 -11.78
C GLY B 214 -28.02 -24.65 -12.36
N ARG B 215 -28.56 -23.46 -12.16
CA ARG B 215 -27.96 -22.23 -12.66
C ARG B 215 -28.38 -21.06 -11.78
N GLN B 216 -27.41 -20.21 -11.47
CA GLN B 216 -27.62 -19.02 -10.67
C GLN B 216 -26.51 -18.05 -11.05
N ILE B 217 -26.70 -16.79 -10.73
CA ILE B 217 -25.67 -15.80 -11.03
C ILE B 217 -24.58 -15.87 -9.97
N HIS B 218 -23.33 -16.03 -10.39
CA HIS B 218 -22.16 -16.10 -9.49
C HIS B 218 -21.25 -14.90 -9.79
N LEU B 219 -21.19 -13.95 -8.86
CA LEU B 219 -20.41 -12.74 -9.06
C LEU B 219 -19.22 -12.54 -8.12
N ILE B 220 -18.12 -12.08 -8.70
CA ILE B 220 -16.94 -11.74 -7.92
C ILE B 220 -16.95 -10.23 -8.02
N ARG B 221 -16.80 -9.58 -6.87
CA ARG B 221 -16.85 -8.13 -6.82
C ARG B 221 -15.55 -7.40 -6.58
N SER B 222 -14.70 -7.93 -5.72
CA SER B 222 -13.41 -7.33 -5.40
C SER B 222 -12.48 -8.46 -4.95
N TRP B 223 -11.19 -8.18 -4.92
CA TRP B 223 -10.22 -9.18 -4.49
C TRP B 223 -8.85 -8.54 -4.28
N SER B 224 -8.35 -8.57 -3.06
CA SER B 224 -7.02 -8.03 -2.77
C SER B 224 -6.19 -9.23 -2.34
N PHE B 225 -4.88 -9.16 -2.54
CA PHE B 225 -4.01 -10.27 -2.17
C PHE B 225 -2.59 -9.81 -1.86
N THR B 226 -1.97 -10.47 -0.89
CA THR B 226 -0.60 -10.17 -0.51
C THR B 226 0.08 -11.42 0.06
N SER B 227 1.20 -11.80 -0.55
CA SER B 227 1.96 -12.95 -0.09
C SER B 227 3.39 -12.53 0.10
N THR B 228 4.06 -13.16 1.07
CA THR B 228 5.46 -12.83 1.32
C THR B 228 6.25 -14.10 1.58
N LEU B 229 7.33 -14.27 0.83
CA LEU B 229 8.21 -15.42 0.98
C LEU B 229 9.51 -14.94 1.61
N ILE B 230 9.94 -15.58 2.69
CA ILE B 230 11.19 -15.19 3.33
C ILE B 230 12.31 -15.68 2.42
N THR B 231 13.16 -14.76 1.97
CA THR B 231 14.25 -15.11 1.08
C THR B 231 15.58 -15.10 1.81
N THR B 232 15.82 -16.11 2.64
CA THR B 232 17.07 -16.21 3.41
C THR B 232 17.05 -17.42 4.36
N ALA C 1 -27.84 -17.39 16.93
CA ALA C 1 -26.46 -17.31 17.49
C ALA C 1 -26.34 -16.01 18.25
N GLU C 2 -25.30 -15.88 19.07
CA GLU C 2 -25.06 -14.69 19.86
C GLU C 2 -23.84 -13.99 19.30
N THR C 3 -24.05 -12.85 18.64
CA THR C 3 -22.97 -12.10 18.02
C THR C 3 -22.79 -10.72 18.65
N VAL C 4 -21.53 -10.29 18.75
CA VAL C 4 -21.18 -8.98 19.30
C VAL C 4 -20.26 -8.32 18.28
N SER C 5 -20.61 -7.09 17.86
CA SER C 5 -19.82 -6.36 16.87
C SER C 5 -19.85 -4.85 16.99
N PHE C 6 -18.67 -4.25 16.96
CA PHE C 6 -18.53 -2.81 17.03
C PHE C 6 -17.47 -2.42 16.02
N ASN C 7 -17.35 -1.12 15.76
CA ASN C 7 -16.37 -0.59 14.82
C ASN C 7 -16.07 0.87 15.14
N PHE C 8 -14.86 1.10 15.63
CA PHE C 8 -14.41 2.44 15.96
C PHE C 8 -13.46 2.88 14.85
N ASN C 9 -13.82 3.97 14.19
CA ASN C 9 -12.99 4.55 13.14
C ASN C 9 -12.24 5.72 13.77
N SER C 10 -12.70 6.14 14.94
CA SER C 10 -12.10 7.22 15.71
C SER C 10 -12.68 7.13 17.12
N PHE C 11 -11.89 7.55 18.11
CA PHE C 11 -12.34 7.48 19.49
C PHE C 11 -12.51 8.86 20.07
N SER C 12 -13.21 8.89 21.19
CA SER C 12 -13.47 10.15 21.89
C SER C 12 -13.59 9.79 23.35
N GLU C 13 -13.34 10.76 24.21
CA GLU C 13 -13.43 10.55 25.64
C GLU C 13 -14.93 10.55 25.96
N GLY C 14 -15.27 10.14 27.17
CA GLY C 14 -16.67 10.12 27.58
C GLY C 14 -17.61 9.26 26.77
N ASN C 15 -17.07 8.28 26.07
CA ASN C 15 -17.92 7.37 25.31
C ASN C 15 -18.02 6.16 26.23
N PRO C 16 -19.23 5.89 26.74
CA PRO C 16 -19.53 4.77 27.65
C PRO C 16 -19.20 3.38 27.15
N ALA C 17 -18.90 3.26 25.86
CA ALA C 17 -18.58 1.98 25.26
C ALA C 17 -17.10 1.62 25.39
N ILE C 18 -16.32 2.46 26.05
CA ILE C 18 -14.90 2.22 26.23
C ILE C 18 -14.42 2.59 27.64
N ASN C 19 -13.50 1.80 28.17
CA ASN C 19 -12.92 2.02 29.49
C ASN C 19 -11.51 2.55 29.31
N PHE C 20 -11.14 3.56 30.10
CA PHE C 20 -9.82 4.12 30.02
C PHE C 20 -9.12 3.83 31.33
N GLN C 21 -7.95 3.20 31.23
CA GLN C 21 -7.19 2.81 32.39
C GLN C 21 -5.77 3.30 32.24
N GLY C 22 -5.25 3.92 33.29
CA GLY C 22 -3.89 4.41 33.24
C GLY C 22 -3.80 5.76 32.57
N ASP C 23 -2.62 6.03 32.02
CA ASP C 23 -2.31 7.29 31.37
C ASP C 23 -2.89 7.51 29.98
N VAL C 24 -3.87 6.70 29.59
CA VAL C 24 -4.48 6.82 28.28
C VAL C 24 -5.06 8.20 28.11
N THR C 25 -5.03 8.67 26.87
CA THR C 25 -5.58 9.96 26.54
C THR C 25 -6.04 9.91 25.09
N VAL C 26 -7.12 10.61 24.79
CA VAL C 26 -7.63 10.65 23.43
C VAL C 26 -7.18 11.97 22.81
N LEU C 27 -6.52 11.87 21.66
CA LEU C 27 -6.02 13.02 20.93
C LEU C 27 -7.16 13.67 20.15
N SER C 28 -6.96 14.93 19.79
CA SER C 28 -7.95 15.70 19.04
C SER C 28 -8.33 15.08 17.70
N ASN C 29 -7.41 14.34 17.11
CA ASN C 29 -7.67 13.70 15.82
C ASN C 29 -8.45 12.40 15.95
N GLY C 30 -8.82 12.06 17.18
CA GLY C 30 -9.59 10.85 17.42
C GLY C 30 -8.76 9.65 17.79
N ASN C 31 -7.43 9.79 17.79
CA ASN C 31 -6.57 8.67 18.13
C ASN C 31 -6.51 8.50 19.64
N ILE C 32 -6.05 7.33 20.06
CA ILE C 32 -5.88 7.04 21.49
C ILE C 32 -4.38 6.89 21.74
N GLN C 33 -3.85 7.72 22.63
CA GLN C 33 -2.44 7.65 22.97
C GLN C 33 -2.32 6.86 24.28
N LEU C 34 -1.76 5.66 24.19
CA LEU C 34 -1.67 4.80 25.35
C LEU C 34 -0.74 5.24 26.49
N THR C 35 0.43 5.76 26.17
CA THR C 35 1.33 6.15 27.24
C THR C 35 1.67 7.62 27.30
N ASN C 36 2.03 8.08 28.50
CA ASN C 36 2.42 9.45 28.76
C ASN C 36 3.94 9.52 28.65
N LEU C 37 4.42 10.35 27.71
CA LEU C 37 5.84 10.52 27.42
C LEU C 37 6.62 11.19 28.54
N ASN C 38 5.91 11.83 29.46
CA ASN C 38 6.58 12.51 30.55
C ASN C 38 6.62 11.70 31.83
N LYS C 39 5.90 10.60 31.87
CA LYS C 39 5.88 9.79 33.07
C LYS C 39 6.80 8.60 33.03
N VAL C 40 7.45 8.36 34.15
CA VAL C 40 8.34 7.23 34.31
C VAL C 40 7.44 6.02 34.47
N ASN C 41 7.78 4.91 33.83
CA ASN C 41 6.98 3.69 33.94
C ASN C 41 5.49 3.92 33.65
N SER C 42 5.22 4.66 32.58
CA SER C 42 3.84 4.94 32.17
C SER C 42 3.16 3.67 31.64
N VAL C 43 1.90 3.47 32.05
CA VAL C 43 1.11 2.32 31.60
C VAL C 43 -0.27 2.87 31.24
N GLY C 44 -0.78 2.46 30.09
CA GLY C 44 -2.09 2.93 29.63
C GLY C 44 -2.82 1.80 28.92
N ARG C 45 -4.10 1.62 29.26
CA ARG C 45 -4.90 0.53 28.69
C ARG C 45 -6.31 0.97 28.30
N VAL C 46 -6.77 0.52 27.14
CA VAL C 46 -8.10 0.90 26.68
C VAL C 46 -8.86 -0.39 26.47
N LEU C 47 -10.02 -0.50 27.12
CA LEU C 47 -10.83 -1.69 27.06
C LEU C 47 -12.23 -1.44 26.51
N TYR C 48 -12.79 -2.42 25.81
CA TYR C 48 -14.15 -2.27 25.32
C TYR C 48 -15.00 -2.49 26.58
N ALA C 49 -15.82 -1.50 26.93
CA ALA C 49 -16.62 -1.56 28.16
C ALA C 49 -17.44 -2.82 28.41
N MET C 50 -18.24 -3.23 27.43
CA MET C 50 -19.09 -4.40 27.58
C MET C 50 -18.33 -5.72 27.50
N PRO C 51 -18.46 -6.55 28.54
CA PRO C 51 -17.77 -7.84 28.53
C PRO C 51 -18.38 -8.68 27.42
N VAL C 52 -17.56 -9.53 26.82
CA VAL C 52 -18.05 -10.39 25.76
C VAL C 52 -17.99 -11.81 26.27
N ARG C 53 -19.07 -12.55 26.07
CA ARG C 53 -19.17 -13.94 26.49
C ARG C 53 -18.50 -14.78 25.42
N ILE C 54 -17.28 -15.24 25.69
CA ILE C 54 -16.54 -16.05 24.73
C ILE C 54 -16.91 -17.51 24.79
N TRP C 55 -17.43 -17.99 25.93
CA TRP C 55 -17.84 -19.39 26.03
C TRP C 55 -18.97 -19.64 27.00
N SER C 56 -19.65 -20.76 26.82
CA SER C 56 -20.76 -21.13 27.68
C SER C 56 -20.53 -22.40 28.48
N SER C 57 -20.74 -22.32 29.79
CA SER C 57 -20.58 -23.49 30.67
C SER C 57 -21.75 -24.44 30.46
N ALA C 58 -22.85 -23.91 29.93
CA ALA C 58 -24.04 -24.68 29.68
C ALA C 58 -23.89 -25.57 28.45
N THR C 59 -23.47 -24.98 27.33
CA THR C 59 -23.30 -25.73 26.08
C THR C 59 -21.85 -26.18 25.84
N GLY C 60 -20.93 -25.60 26.59
CA GLY C 60 -19.53 -25.96 26.41
C GLY C 60 -18.97 -25.39 25.11
N ASN C 61 -19.74 -24.53 24.47
CA ASN C 61 -19.30 -23.91 23.22
C ASN C 61 -18.31 -22.77 23.44
N VAL C 62 -17.49 -22.53 22.43
CA VAL C 62 -16.52 -21.45 22.44
C VAL C 62 -16.79 -20.58 21.22
N ALA C 63 -16.74 -19.27 21.38
CA ALA C 63 -17.01 -18.35 20.30
C ALA C 63 -15.87 -18.22 19.31
N SER C 64 -16.21 -17.68 18.14
CA SER C 64 -15.23 -17.43 17.09
C SER C 64 -15.28 -15.94 16.86
N PHE C 65 -14.12 -15.34 16.58
CA PHE C 65 -14.09 -13.92 16.35
C PHE C 65 -13.14 -13.46 15.25
N LEU C 66 -13.53 -12.35 14.64
CA LEU C 66 -12.78 -11.70 13.60
C LEU C 66 -12.64 -10.27 14.10
N THR C 67 -11.41 -9.79 14.14
CA THR C 67 -11.17 -8.43 14.58
C THR C 67 -10.01 -7.84 13.77
N SER C 68 -10.10 -6.54 13.55
CA SER C 68 -9.10 -5.87 12.76
C SER C 68 -8.84 -4.52 13.36
N PHE C 69 -7.57 -4.18 13.52
CA PHE C 69 -7.19 -2.89 14.08
C PHE C 69 -5.93 -2.38 13.41
N SER C 70 -5.64 -1.11 13.64
CA SER C 70 -4.45 -0.46 13.09
C SER C 70 -3.85 0.49 14.13
N PHE C 71 -2.52 0.51 14.18
CA PHE C 71 -1.83 1.34 15.14
C PHE C 71 -0.63 2.06 14.53
N GLU C 72 0.02 2.87 15.34
CA GLU C 72 1.21 3.59 14.90
C GLU C 72 2.12 3.91 16.06
N MET C 73 3.36 3.46 15.98
CA MET C 73 4.34 3.76 17.01
C MET C 73 5.32 4.75 16.39
N LYS C 74 5.72 5.76 17.16
CA LYS C 74 6.64 6.79 16.67
C LYS C 74 7.70 7.07 17.72
N ASP C 75 8.94 7.29 17.26
CA ASP C 75 10.08 7.57 18.14
C ASP C 75 10.05 9.01 18.64
N ILE C 76 10.49 9.21 19.87
CA ILE C 76 10.60 10.54 20.43
C ILE C 76 12.09 10.72 20.72
N LYS C 77 12.54 11.95 20.63
CA LYS C 77 13.93 12.30 20.83
C LYS C 77 14.43 11.97 22.22
N ASP C 78 15.69 11.51 22.27
CA ASP C 78 16.40 11.17 23.51
C ASP C 78 16.03 9.89 24.25
N TYR C 79 14.84 9.36 24.00
CA TYR C 79 14.42 8.14 24.68
C TYR C 79 14.48 6.98 23.72
N ASP C 80 14.68 5.79 24.27
CA ASP C 80 14.72 4.57 23.47
C ASP C 80 13.30 4.20 23.13
N PRO C 81 13.06 3.71 21.90
CA PRO C 81 11.71 3.32 21.51
C PRO C 81 11.34 2.01 22.20
N ALA C 82 10.52 2.11 23.24
CA ALA C 82 10.07 0.97 24.01
C ALA C 82 8.76 1.42 24.63
N ASP C 83 7.90 0.49 25.06
CA ASP C 83 8.16 -0.94 24.98
C ASP C 83 7.33 -1.70 23.93
N GLY C 84 6.14 -1.20 23.65
CA GLY C 84 5.30 -1.86 22.68
C GLY C 84 3.82 -1.72 22.98
N ILE C 85 3.04 -2.44 22.18
CA ILE C 85 1.60 -2.47 22.31
C ILE C 85 1.17 -3.95 22.39
N ILE C 86 0.12 -4.24 23.15
CA ILE C 86 -0.36 -5.62 23.27
C ILE C 86 -1.88 -5.70 23.19
N PHE C 87 -2.38 -6.47 22.25
CA PHE C 87 -3.83 -6.64 22.12
C PHE C 87 -4.11 -7.80 23.09
N PHE C 88 -4.97 -7.58 24.08
CA PHE C 88 -5.22 -8.63 25.06
C PHE C 88 -6.67 -8.92 25.38
N ILE C 89 -6.89 -10.09 25.98
CA ILE C 89 -8.21 -10.58 26.37
C ILE C 89 -8.02 -10.90 27.85
N ALA C 90 -8.89 -10.39 28.70
CA ALA C 90 -8.74 -10.62 30.13
C ALA C 90 -10.06 -10.66 30.90
N PRO C 91 -10.05 -11.19 32.15
CA PRO C 91 -11.28 -11.25 32.96
C PRO C 91 -11.95 -9.89 33.01
N GLU C 92 -13.27 -9.84 33.08
CA GLU C 92 -13.97 -8.58 33.12
C GLU C 92 -13.51 -7.63 34.21
N ASP C 93 -13.00 -8.17 35.31
CA ASP C 93 -12.53 -7.36 36.41
C ASP C 93 -11.04 -6.94 36.30
N THR C 94 -10.48 -7.06 35.10
CA THR C 94 -9.08 -6.73 34.87
C THR C 94 -8.73 -5.26 35.17
N GLN C 95 -7.57 -5.06 35.77
CA GLN C 95 -7.09 -3.72 36.14
C GLN C 95 -5.58 -3.76 35.96
N ILE C 96 -4.94 -2.60 35.84
CA ILE C 96 -3.48 -2.59 35.68
C ILE C 96 -2.88 -3.18 36.94
N PRO C 97 -1.83 -4.01 36.83
CA PRO C 97 -1.19 -4.61 38.00
C PRO C 97 -0.80 -3.56 39.04
N ALA C 98 -0.93 -3.91 40.32
CA ALA C 98 -0.56 -2.99 41.40
C ALA C 98 0.96 -2.89 41.51
N GLY C 99 1.47 -1.66 41.51
CA GLY C 99 2.91 -1.45 41.60
C GLY C 99 3.61 -1.80 40.30
N SER C 100 2.88 -1.69 39.19
CA SER C 100 3.38 -1.97 37.85
C SER C 100 4.61 -1.18 37.48
N ILE C 101 5.65 -1.86 37.02
CA ILE C 101 6.88 -1.20 36.64
C ILE C 101 6.86 -0.80 35.15
N GLY C 102 5.70 -0.97 34.50
CA GLY C 102 5.60 -0.66 33.08
C GLY C 102 6.68 -1.46 32.37
N GLY C 103 7.44 -0.81 31.51
CA GLY C 103 8.51 -1.49 30.80
C GLY C 103 8.13 -2.77 30.08
N GLY C 104 8.99 -3.78 30.21
CA GLY C 104 8.76 -5.06 29.57
C GLY C 104 7.47 -5.78 29.92
N THR C 105 6.76 -5.34 30.96
CA THR C 105 5.51 -6.02 31.34
C THR C 105 4.32 -5.60 30.50
N LEU C 106 4.55 -4.66 29.59
CA LEU C 106 3.51 -4.13 28.69
C LEU C 106 2.19 -3.72 29.34
N GLY C 107 2.17 -3.61 30.67
CA GLY C 107 0.97 -3.23 31.38
C GLY C 107 0.00 -4.35 31.76
N VAL C 108 0.36 -5.59 31.44
CA VAL C 108 -0.50 -6.73 31.71
C VAL C 108 0.03 -7.78 32.71
N SER C 109 1.28 -7.63 33.11
CA SER C 109 1.85 -8.60 34.02
C SER C 109 2.58 -8.00 35.21
N ASP C 110 2.98 -8.87 36.13
CA ASP C 110 3.73 -8.46 37.30
C ASP C 110 5.18 -8.39 36.89
N THR C 111 6.04 -8.14 37.87
CA THR C 111 7.46 -8.05 37.67
C THR C 111 8.05 -9.31 37.01
N LYS C 112 7.58 -10.48 37.44
CA LYS C 112 8.06 -11.74 36.87
C LYS C 112 7.53 -11.95 35.45
N GLY C 113 6.58 -11.12 35.04
CA GLY C 113 6.01 -11.22 33.70
C GLY C 113 4.82 -12.16 33.61
N ALA C 114 4.19 -12.44 34.75
CA ALA C 114 3.04 -13.32 34.82
C ALA C 114 1.75 -12.53 35.05
N GLY C 115 0.63 -13.08 34.58
CA GLY C 115 -0.65 -12.42 34.76
C GLY C 115 -1.75 -13.27 34.18
N HIS C 116 -2.98 -12.80 34.22
CA HIS C 116 -4.06 -13.59 33.69
C HIS C 116 -4.60 -12.91 32.46
N PHE C 117 -4.09 -13.33 31.30
CA PHE C 117 -4.49 -12.75 30.02
C PHE C 117 -3.99 -13.59 28.86
N VAL C 118 -4.56 -13.33 27.68
CA VAL C 118 -4.15 -14.00 26.44
C VAL C 118 -4.16 -12.86 25.39
N GLY C 119 -3.08 -12.74 24.63
CA GLY C 119 -3.00 -11.71 23.61
C GLY C 119 -1.80 -11.76 22.66
N VAL C 120 -1.78 -10.82 21.71
CA VAL C 120 -0.73 -10.69 20.68
C VAL C 120 0.09 -9.45 21.03
N GLU C 121 1.40 -9.60 21.16
CA GLU C 121 2.24 -8.47 21.50
C GLU C 121 3.05 -8.00 20.30
N PHE C 122 3.33 -6.70 20.28
CA PHE C 122 4.14 -6.07 19.24
C PHE C 122 5.23 -5.42 20.10
N ASP C 123 6.27 -6.21 20.30
CA ASP C 123 7.39 -5.85 21.16
C ASP C 123 8.54 -5.14 20.45
N THR C 124 8.85 -3.93 20.92
CA THR C 124 9.93 -3.14 20.33
C THR C 124 11.24 -3.15 21.13
N TYR C 125 11.28 -3.90 22.23
CA TYR C 125 12.47 -3.97 23.06
C TYR C 125 12.64 -5.37 23.61
N SER C 126 13.88 -5.84 23.55
CA SER C 126 14.24 -7.16 24.02
C SER C 126 14.52 -7.21 25.53
N ASN C 127 13.61 -7.81 26.29
CA ASN C 127 13.79 -7.95 27.73
C ASN C 127 14.31 -9.34 28.02
N SER C 128 15.61 -9.49 28.24
CA SER C 128 16.21 -10.81 28.52
C SER C 128 15.54 -11.52 29.70
N GLU C 129 15.04 -10.73 30.64
CA GLU C 129 14.35 -11.25 31.81
C GLU C 129 13.05 -12.00 31.45
N TYR C 130 12.53 -11.76 30.27
CA TYR C 130 11.32 -12.43 29.79
C TYR C 130 11.66 -13.25 28.56
N ASN C 131 12.94 -13.61 28.42
CA ASN C 131 13.45 -14.39 27.28
C ASN C 131 13.04 -13.85 25.94
N ASP C 132 13.09 -12.53 25.81
CA ASP C 132 12.71 -11.89 24.57
C ASP C 132 13.65 -12.18 23.42
N PRO C 133 13.12 -12.20 22.18
CA PRO C 133 13.97 -12.46 21.01
C PRO C 133 14.89 -11.25 20.84
N PRO C 134 16.07 -11.44 20.23
CA PRO C 134 17.02 -10.34 20.02
C PRO C 134 16.55 -9.22 19.11
N THR C 135 15.39 -9.38 18.48
CA THR C 135 14.87 -8.36 17.57
C THR C 135 13.45 -7.97 17.95
N ASP C 136 12.89 -7.03 17.21
CA ASP C 136 11.52 -6.60 17.42
C ASP C 136 10.79 -7.86 17.02
N HIS C 137 9.60 -8.06 17.56
CA HIS C 137 8.89 -9.29 17.24
C HIS C 137 7.45 -9.19 17.60
N VAL C 138 6.65 -10.05 16.99
CA VAL C 138 5.22 -10.14 17.30
C VAL C 138 5.18 -11.46 18.10
N GLY C 139 4.29 -11.55 19.08
CA GLY C 139 4.22 -12.78 19.86
C GLY C 139 2.86 -13.08 20.47
N ILE C 140 2.60 -14.38 20.67
CA ILE C 140 1.36 -14.87 21.28
C ILE C 140 1.73 -15.10 22.73
N ASP C 141 0.95 -14.50 23.63
CA ASP C 141 1.20 -14.63 25.05
C ASP C 141 0.02 -15.28 25.75
N VAL C 142 0.31 -16.26 26.59
CA VAL C 142 -0.72 -16.93 27.37
C VAL C 142 -0.29 -16.85 28.83
N ASN C 143 -0.97 -15.99 29.58
CA ASN C 143 -0.71 -15.72 30.99
C ASN C 143 0.72 -15.32 31.35
N SER C 144 1.41 -14.71 30.39
CA SER C 144 2.79 -14.29 30.62
C SER C 144 3.34 -13.58 29.39
N VAL C 145 4.31 -12.68 29.62
CA VAL C 145 4.99 -11.93 28.57
C VAL C 145 6.23 -12.69 28.10
N ASP C 146 6.36 -13.91 28.56
CA ASP C 146 7.43 -14.78 28.12
C ASP C 146 6.61 -15.54 27.07
N SER C 147 6.59 -14.99 25.86
CA SER C 147 5.81 -15.52 24.74
C SER C 147 5.90 -17.00 24.47
N VAL C 148 4.74 -17.59 24.18
CA VAL C 148 4.64 -19.00 23.86
C VAL C 148 5.31 -19.22 22.51
N LYS C 149 5.20 -18.21 21.64
CA LYS C 149 5.75 -18.25 20.29
C LYS C 149 5.89 -16.81 19.82
N THR C 150 6.95 -16.55 19.08
CA THR C 150 7.21 -15.22 18.53
C THR C 150 7.67 -15.37 17.08
N VAL C 151 7.64 -14.26 16.34
CA VAL C 151 8.10 -14.21 14.94
C VAL C 151 8.79 -12.85 14.73
N PRO C 152 10.01 -12.86 14.15
CA PRO C 152 10.73 -11.60 13.93
C PRO C 152 9.92 -10.65 13.07
N TRP C 153 9.98 -9.37 13.43
CA TRP C 153 9.21 -8.33 12.76
C TRP C 153 10.08 -7.07 12.80
N ASN C 154 9.53 -5.97 12.31
CA ASN C 154 10.25 -4.70 12.30
C ASN C 154 9.29 -3.51 12.46
N SER C 155 9.49 -2.76 13.54
CA SER C 155 8.66 -1.59 13.84
C SER C 155 9.26 -0.39 13.12
N VAL C 156 8.48 0.20 12.20
CA VAL C 156 8.90 1.37 11.44
C VAL C 156 8.24 2.64 12.02
N SER C 157 9.06 3.53 12.57
CA SER C 157 8.60 4.77 13.20
C SER C 157 7.67 5.60 12.32
N GLY C 158 6.52 5.96 12.86
CA GLY C 158 5.57 6.76 12.11
C GLY C 158 4.82 5.99 11.04
N ALA C 159 5.05 4.69 10.95
CA ALA C 159 4.36 3.87 9.96
C ALA C 159 3.04 3.33 10.53
N VAL C 160 1.98 3.40 9.74
CA VAL C 160 0.68 2.91 10.17
C VAL C 160 0.59 1.42 9.83
N VAL C 161 0.52 0.58 10.87
CA VAL C 161 0.45 -0.89 10.75
C VAL C 161 -0.97 -1.47 10.85
N LYS C 162 -1.32 -2.41 9.97
CA LYS C 162 -2.65 -3.03 9.97
C LYS C 162 -2.64 -4.49 10.39
N VAL C 163 -3.50 -4.84 11.36
CA VAL C 163 -3.58 -6.20 11.89
C VAL C 163 -4.94 -6.88 11.73
N THR C 164 -4.93 -8.12 11.24
CA THR C 164 -6.14 -8.92 11.10
C THR C 164 -5.93 -10.16 11.99
N VAL C 165 -6.85 -10.36 12.93
CA VAL C 165 -6.82 -11.50 13.85
C VAL C 165 -8.10 -12.35 13.71
N ILE C 166 -7.93 -13.67 13.59
CA ILE C 166 -9.05 -14.61 13.45
C ILE C 166 -8.84 -15.73 14.46
N TYR C 167 -9.90 -16.11 15.16
CA TYR C 167 -9.84 -17.20 16.13
C TYR C 167 -10.93 -18.18 15.74
N ASP C 168 -10.55 -19.43 15.51
CA ASP C 168 -11.50 -20.45 15.12
C ASP C 168 -11.81 -21.40 16.28
N SER C 169 -13.02 -21.28 16.83
CA SER C 169 -13.43 -22.10 17.97
C SER C 169 -13.07 -23.57 17.83
N SER C 170 -13.47 -24.15 16.71
CA SER C 170 -13.23 -25.57 16.40
C SER C 170 -11.79 -26.02 16.68
N THR C 171 -10.86 -25.57 15.85
CA THR C 171 -9.45 -25.93 15.96
C THR C 171 -8.68 -25.14 17.02
N LYS C 172 -9.38 -24.26 17.73
CA LYS C 172 -8.80 -23.42 18.77
C LYS C 172 -7.57 -22.66 18.27
N THR C 173 -7.58 -22.30 16.98
CA THR C 173 -6.44 -21.60 16.40
C THR C 173 -6.60 -20.09 16.37
N LEU C 174 -5.54 -19.39 16.77
CA LEU C 174 -5.50 -17.93 16.77
C LEU C 174 -4.50 -17.48 15.68
N SER C 175 -5.03 -17.03 14.54
CA SER C 175 -4.20 -16.58 13.41
C SER C 175 -4.03 -15.06 13.31
N VAL C 176 -2.79 -14.61 13.25
CA VAL C 176 -2.52 -13.18 13.13
C VAL C 176 -1.81 -12.79 11.83
N ALA C 177 -2.33 -11.78 11.16
CA ALA C 177 -1.71 -11.29 9.94
C ALA C 177 -1.43 -9.81 10.21
N VAL C 178 -0.18 -9.42 10.04
CA VAL C 178 0.24 -8.04 10.22
C VAL C 178 0.74 -7.53 8.87
N THR C 179 0.16 -6.43 8.37
CA THR C 179 0.56 -5.85 7.08
C THR C 179 1.37 -4.60 7.32
N ASN C 180 2.70 -4.72 7.23
CA ASN C 180 3.62 -3.60 7.43
C ASN C 180 3.34 -2.48 6.41
N ASP C 181 3.82 -1.27 6.68
CA ASP C 181 3.62 -0.15 5.75
C ASP C 181 4.30 -0.33 4.37
N ASN C 182 5.39 -1.11 4.34
CA ASN C 182 6.10 -1.36 3.08
C ASN C 182 5.43 -2.41 2.19
N GLY C 183 4.33 -3.00 2.67
CA GLY C 183 3.62 -4.01 1.90
C GLY C 183 3.70 -5.44 2.40
N ASP C 184 4.87 -5.80 2.93
CA ASP C 184 5.12 -7.14 3.46
C ASP C 184 4.17 -7.57 4.56
N ILE C 185 3.83 -8.86 4.59
CA ILE C 185 2.94 -9.35 5.63
C ILE C 185 3.69 -10.30 6.53
N THR C 186 3.25 -10.34 7.79
CA THR C 186 3.86 -11.17 8.81
C THR C 186 2.72 -11.94 9.48
N THR C 187 2.75 -13.27 9.40
CA THR C 187 1.70 -14.07 10.04
C THR C 187 2.26 -14.95 11.13
N ILE C 188 1.47 -15.16 12.17
CA ILE C 188 1.89 -16.00 13.30
C ILE C 188 0.61 -16.67 13.77
N ALA C 189 0.70 -17.94 14.11
CA ALA C 189 -0.48 -18.67 14.55
C ALA C 189 -0.10 -19.61 15.68
N GLN C 190 -1.08 -19.90 16.51
CA GLN C 190 -0.88 -20.79 17.66
C GLN C 190 -2.24 -21.26 18.15
N VAL C 191 -2.27 -22.47 18.69
CA VAL C 191 -3.48 -23.06 19.26
C VAL C 191 -3.56 -22.65 20.73
N VAL C 192 -4.66 -22.00 21.10
CA VAL C 192 -4.85 -21.56 22.48
C VAL C 192 -6.30 -21.85 22.87
N ASP C 193 -6.46 -22.55 23.99
CA ASP C 193 -7.76 -22.94 24.50
C ASP C 193 -8.37 -21.91 25.42
N LEU C 194 -9.07 -20.93 24.85
CA LEU C 194 -9.71 -19.88 25.64
C LEU C 194 -10.58 -20.43 26.77
N LYS C 195 -11.26 -21.53 26.49
CA LYS C 195 -12.13 -22.16 27.49
C LYS C 195 -11.41 -22.60 28.76
N ALA C 196 -10.12 -22.88 28.66
CA ALA C 196 -9.33 -23.36 29.79
C ALA C 196 -8.43 -22.33 30.48
N LYS C 197 -8.16 -21.23 29.79
CA LYS C 197 -7.32 -20.16 30.30
C LYS C 197 -8.10 -18.93 30.74
N LEU C 198 -9.30 -18.73 30.18
CA LEU C 198 -10.15 -17.58 30.50
C LEU C 198 -11.57 -17.93 30.95
N PRO C 199 -12.22 -17.02 31.72
CA PRO C 199 -13.58 -17.23 32.21
C PRO C 199 -14.59 -17.06 31.09
N GLU C 200 -15.85 -17.32 31.38
CA GLU C 200 -16.90 -17.21 30.38
C GLU C 200 -16.97 -15.80 29.80
N ARG C 201 -16.86 -14.80 30.67
CA ARG C 201 -16.93 -13.41 30.25
C ARG C 201 -15.58 -12.75 30.34
N VAL C 202 -15.23 -12.03 29.29
CA VAL C 202 -13.94 -11.35 29.23
C VAL C 202 -14.11 -9.95 28.64
N LYS C 203 -12.99 -9.24 28.57
CA LYS C 203 -12.93 -7.91 27.99
C LYS C 203 -11.75 -7.84 27.02
N PHE C 204 -11.98 -7.25 25.86
CA PHE C 204 -10.93 -7.09 24.85
C PHE C 204 -10.34 -5.69 25.00
N GLY C 205 -9.08 -5.53 24.66
CA GLY C 205 -8.46 -4.22 24.77
C GLY C 205 -7.01 -4.13 24.34
N PHE C 206 -6.42 -2.96 24.54
CA PHE C 206 -5.03 -2.71 24.17
C PHE C 206 -4.30 -2.14 25.38
N SER C 207 -3.01 -2.40 25.47
CA SER C 207 -2.17 -1.90 26.55
C SER C 207 -0.74 -1.66 26.05
N ALA C 208 -0.14 -0.57 26.50
CA ALA C 208 1.21 -0.21 26.15
C ALA C 208 1.87 0.43 27.38
N SER C 209 3.21 0.39 27.44
CA SER C 209 3.95 0.96 28.55
C SER C 209 5.35 1.44 28.17
N GLY C 210 6.04 2.05 29.13
CA GLY C 210 7.38 2.53 28.92
C GLY C 210 8.10 2.48 30.25
N SER C 211 9.40 2.73 30.25
CA SER C 211 10.17 2.73 31.49
C SER C 211 10.67 4.16 31.74
N LEU C 212 11.83 4.30 32.39
CA LEU C 212 12.39 5.62 32.67
C LEU C 212 13.09 6.16 31.42
N GLY C 213 13.88 5.31 30.78
CA GLY C 213 14.59 5.68 29.57
C GLY C 213 13.98 5.09 28.31
N GLY C 214 12.89 4.34 28.47
CA GLY C 214 12.23 3.73 27.34
C GLY C 214 10.85 4.34 27.15
N ARG C 215 10.70 5.22 26.17
CA ARG C 215 9.43 5.86 25.90
C ARG C 215 9.24 6.04 24.41
N GLN C 216 7.97 6.10 23.98
CA GLN C 216 7.61 6.29 22.57
C GLN C 216 6.10 6.43 22.41
N ILE C 217 5.67 7.00 21.29
CA ILE C 217 4.26 7.21 21.02
C ILE C 217 3.57 5.93 20.58
N HIS C 218 2.56 5.51 21.35
CA HIS C 218 1.79 4.31 21.06
C HIS C 218 0.37 4.78 20.71
N LEU C 219 -0.03 4.59 19.46
CA LEU C 219 -1.34 5.06 19.03
C LEU C 219 -2.26 4.00 18.43
N ILE C 220 -3.53 4.05 18.81
CA ILE C 220 -4.53 3.13 18.29
C ILE C 220 -5.46 4.00 17.44
N ARG C 221 -5.47 3.72 16.13
CA ARG C 221 -6.27 4.51 15.19
C ARG C 221 -7.69 4.01 14.95
N SER C 222 -7.86 2.72 14.72
CA SER C 222 -9.19 2.16 14.50
C SER C 222 -9.25 0.72 15.04
N TRP C 223 -10.45 0.17 15.13
CA TRP C 223 -10.63 -1.17 15.65
C TRP C 223 -12.07 -1.69 15.41
N SER C 224 -12.20 -2.73 14.61
CA SER C 224 -13.51 -3.35 14.37
C SER C 224 -13.43 -4.75 14.99
N PHE C 225 -14.56 -5.27 15.45
CA PHE C 225 -14.58 -6.57 16.10
C PHE C 225 -15.91 -7.28 15.95
N THR C 226 -15.86 -8.58 15.76
CA THR C 226 -17.05 -9.40 15.67
C THR C 226 -16.80 -10.81 16.20
N SER C 227 -17.66 -11.24 17.12
CA SER C 227 -17.56 -12.57 17.71
C SER C 227 -18.93 -13.19 17.58
N THR C 228 -18.97 -14.51 17.42
CA THR C 228 -20.24 -15.23 17.31
C THR C 228 -20.13 -16.49 18.15
N LEU C 229 -21.12 -16.71 18.99
CA LEU C 229 -21.18 -17.87 19.87
C LEU C 229 -22.40 -18.67 19.44
N ILE C 230 -22.22 -19.96 19.16
CA ILE C 230 -23.35 -20.79 18.77
C ILE C 230 -24.17 -21.08 20.02
N THR C 231 -25.42 -20.66 19.99
CA THR C 231 -26.30 -20.86 21.13
C THR C 231 -27.32 -21.95 20.89
N THR C 232 -26.86 -23.21 20.96
CA THR C 232 -27.71 -24.37 20.76
C THR C 232 -26.85 -25.64 20.80
N ALA D 1 26.11 25.07 -7.18
CA ALA D 1 24.67 25.39 -7.27
C ALA D 1 24.19 25.74 -5.87
N GLU D 2 22.99 26.28 -5.77
CA GLU D 2 22.46 26.66 -4.48
C GLU D 2 21.30 25.72 -4.18
N THR D 3 21.44 24.90 -3.15
CA THR D 3 20.44 23.91 -2.75
C THR D 3 19.89 24.07 -1.33
N VAL D 4 18.58 23.94 -1.19
CA VAL D 4 17.88 24.05 0.08
C VAL D 4 17.13 22.73 0.29
N SER D 5 17.38 22.05 1.41
CA SER D 5 16.71 20.77 1.68
C SER D 5 16.47 20.54 3.17
N PHE D 6 15.30 20.01 3.49
CA PHE D 6 14.93 19.70 4.86
C PHE D 6 13.99 18.48 4.85
N ASN D 7 13.78 17.89 6.02
CA ASN D 7 12.94 16.70 6.16
C ASN D 7 12.32 16.63 7.56
N PHE D 8 11.01 16.75 7.66
CA PHE D 8 10.32 16.67 8.94
C PHE D 8 9.53 15.38 8.97
N ASN D 9 9.97 14.44 9.80
CA ASN D 9 9.28 13.16 9.96
C ASN D 9 8.27 13.36 11.08
N SER D 10 8.41 14.47 11.78
CA SER D 10 7.53 14.84 12.87
C SER D 10 7.87 16.28 13.23
N PHE D 11 6.89 17.02 13.70
CA PHE D 11 7.09 18.41 14.03
C PHE D 11 7.02 18.58 15.53
N SER D 12 7.28 19.80 16.00
CA SER D 12 7.25 20.11 17.42
C SER D 12 7.08 21.61 17.53
N GLU D 13 6.58 22.05 18.68
CA GLU D 13 6.40 23.47 18.91
C GLU D 13 7.77 24.02 19.28
N GLY D 14 7.91 25.34 19.14
CA GLY D 14 9.17 25.96 19.48
C GLY D 14 10.34 25.55 18.62
N ASN D 15 10.06 25.21 17.36
CA ASN D 15 11.14 24.88 16.45
C ASN D 15 11.24 26.10 15.56
N PRO D 16 12.32 26.88 15.72
CA PRO D 16 12.53 28.09 14.90
C PRO D 16 12.53 27.83 13.40
N ALA D 17 12.55 26.56 12.98
CA ALA D 17 12.55 26.21 11.57
C ALA D 17 11.18 26.31 10.95
N ILE D 18 10.17 26.55 11.77
CA ILE D 18 8.82 26.63 11.26
C ILE D 18 8.03 27.81 11.81
N ASN D 19 7.11 28.33 11.00
CA ASN D 19 6.26 29.46 11.37
C ASN D 19 4.84 28.95 11.54
N PHE D 20 4.24 29.24 12.70
CA PHE D 20 2.89 28.82 12.99
C PHE D 20 2.02 30.06 12.90
N GLN D 21 1.02 30.04 12.03
CA GLN D 21 0.13 31.17 11.85
C GLN D 21 -1.30 30.74 12.03
N GLY D 22 -2.03 31.45 12.88
CA GLY D 22 -3.42 31.12 13.12
C GLY D 22 -3.64 30.06 14.18
N ASP D 23 -4.67 29.25 13.94
CA ASP D 23 -5.08 28.19 14.85
C ASP D 23 -4.26 26.89 14.86
N VAL D 24 -3.09 26.90 14.22
CA VAL D 24 -2.23 25.71 14.18
C VAL D 24 -1.86 25.21 15.58
N THR D 25 -1.69 23.90 15.68
CA THR D 25 -1.34 23.30 16.95
C THR D 25 -0.61 22.01 16.66
N VAL D 26 0.46 21.76 17.40
CA VAL D 26 1.25 20.55 17.19
C VAL D 26 0.87 19.47 18.21
N LEU D 27 0.30 18.38 17.70
CA LEU D 27 -0.15 17.27 18.53
C LEU D 27 0.98 16.52 19.19
N SER D 28 0.62 15.80 20.26
CA SER D 28 1.59 15.01 21.02
C SER D 28 2.25 13.91 20.20
N ASN D 29 1.61 13.47 19.12
CA ASN D 29 2.20 12.43 18.28
C ASN D 29 3.03 13.09 17.18
N GLY D 30 3.24 14.40 17.31
CA GLY D 30 4.06 15.13 16.36
C GLY D 30 3.41 15.65 15.09
N ASN D 31 2.16 15.27 14.87
CA ASN D 31 1.45 15.72 13.68
C ASN D 31 1.09 17.18 13.86
N ILE D 32 0.79 17.87 12.77
CA ILE D 32 0.37 19.27 12.88
C ILE D 32 -1.12 19.37 12.54
N GLN D 33 -1.93 19.88 13.46
CA GLN D 33 -3.37 20.04 13.20
C GLN D 33 -3.56 21.52 12.82
N LEU D 34 -3.94 21.75 11.57
CA LEU D 34 -4.09 23.11 11.05
C LEU D 34 -5.27 23.93 11.56
N THR D 35 -6.41 23.32 11.78
CA THR D 35 -7.54 24.10 12.26
C THR D 35 -8.02 23.71 13.65
N ASN D 36 -8.84 24.59 14.20
CA ASN D 36 -9.43 24.44 15.51
C ASN D 36 -10.87 23.98 15.23
N LEU D 37 -11.26 22.84 15.79
CA LEU D 37 -12.61 22.31 15.57
C LEU D 37 -13.69 23.12 16.27
N ASN D 38 -13.30 23.90 17.27
CA ASN D 38 -14.26 24.69 18.03
C ASN D 38 -14.42 26.13 17.55
N LYS D 39 -13.56 26.58 16.64
CA LYS D 39 -13.67 27.94 16.15
C LYS D 39 -14.39 28.07 14.82
N VAL D 40 -15.11 29.17 14.68
CA VAL D 40 -15.84 29.48 13.45
C VAL D 40 -14.82 30.14 12.52
N ASN D 41 -14.88 29.78 11.25
CA ASN D 41 -13.96 30.33 10.26
C ASN D 41 -12.51 30.17 10.69
N SER D 42 -12.22 29.00 11.26
CA SER D 42 -10.87 28.69 11.72
C SER D 42 -9.95 28.61 10.51
N VAL D 43 -8.76 29.18 10.64
CA VAL D 43 -7.75 29.17 9.60
C VAL D 43 -6.44 28.83 10.28
N GLY D 44 -5.68 27.93 9.70
CA GLY D 44 -4.40 27.57 10.29
C GLY D 44 -3.40 27.32 9.19
N ARG D 45 -2.25 27.97 9.28
CA ARG D 45 -1.23 27.83 8.26
C ARG D 45 0.13 27.61 8.90
N VAL D 46 0.96 26.84 8.23
CA VAL D 46 2.30 26.54 8.72
C VAL D 46 3.25 26.79 7.56
N LEU D 47 4.33 27.52 7.83
CA LEU D 47 5.33 27.87 6.81
C LEU D 47 6.72 27.50 7.24
N TYR D 48 7.58 27.13 6.30
CA TYR D 48 8.96 26.81 6.63
C TYR D 48 9.59 28.18 6.86
N ALA D 49 10.24 28.33 8.01
CA ALA D 49 10.83 29.61 8.42
C ALA D 49 11.81 30.33 7.51
N MET D 50 12.72 29.59 6.90
CA MET D 50 13.70 30.25 6.06
C MET D 50 13.21 30.43 4.64
N PRO D 51 13.31 31.66 4.11
CA PRO D 51 12.86 31.91 2.74
C PRO D 51 13.77 31.31 1.69
N VAL D 52 13.12 30.73 0.68
CA VAL D 52 13.81 30.08 -0.43
C VAL D 52 13.87 30.96 -1.69
N ARG D 53 15.09 31.18 -2.16
CA ARG D 53 15.33 31.97 -3.35
C ARG D 53 14.97 31.11 -4.57
N ILE D 54 13.76 31.24 -5.09
CA ILE D 54 13.34 30.44 -6.25
C ILE D 54 13.84 30.93 -7.61
N TRP D 55 14.32 32.16 -7.69
CA TRP D 55 14.86 32.68 -8.95
C TRP D 55 15.80 33.85 -8.75
N SER D 56 16.79 33.94 -9.63
CA SER D 56 17.77 34.99 -9.57
C SER D 56 17.50 36.06 -10.62
N SER D 57 17.56 37.32 -10.18
CA SER D 57 17.34 38.47 -11.07
C SER D 57 18.58 38.69 -11.94
N ALA D 58 19.74 38.37 -11.37
CA ALA D 58 21.02 38.53 -12.04
C ALA D 58 21.21 37.59 -13.22
N THR D 59 20.98 36.31 -12.96
CA THR D 59 21.15 35.26 -13.96
C THR D 59 19.90 34.92 -14.76
N GLY D 60 18.73 35.33 -14.27
CA GLY D 60 17.50 35.01 -14.95
C GLY D 60 17.09 33.54 -14.81
N ASN D 61 17.77 32.85 -13.89
CA ASN D 61 17.52 31.42 -13.61
C ASN D 61 16.41 31.14 -12.62
N VAL D 62 15.67 30.05 -12.85
CA VAL D 62 14.61 29.64 -11.93
C VAL D 62 14.98 28.27 -11.37
N ALA D 63 14.69 28.06 -10.09
CA ALA D 63 15.02 26.81 -9.41
C ALA D 63 14.04 25.68 -9.65
N SER D 64 14.54 24.45 -9.57
CA SER D 64 13.77 23.24 -9.73
C SER D 64 13.61 22.67 -8.34
N PHE D 65 12.53 21.96 -8.10
CA PHE D 65 12.32 21.37 -6.80
C PHE D 65 11.50 20.09 -6.74
N LEU D 66 11.87 19.24 -5.77
CA LEU D 66 11.20 17.98 -5.52
C LEU D 66 10.75 18.02 -4.05
N THR D 67 9.44 17.88 -3.83
CA THR D 67 8.90 17.89 -2.48
C THR D 67 7.86 16.78 -2.27
N SER D 68 7.89 16.19 -1.08
CA SER D 68 6.98 15.11 -0.74
C SER D 68 6.40 15.32 0.65
N PHE D 69 5.10 15.05 0.78
CA PHE D 69 4.42 15.19 2.07
C PHE D 69 3.21 14.28 2.16
N SER D 70 2.74 14.06 3.39
CA SER D 70 1.56 13.22 3.63
C SER D 70 0.64 13.90 4.62
N PHE D 71 -0.66 13.80 4.36
CA PHE D 71 -1.65 14.41 5.25
C PHE D 71 -2.78 13.44 5.58
N GLU D 72 -3.76 13.94 6.33
CA GLU D 72 -4.91 13.14 6.72
C GLU D 72 -6.07 14.04 7.11
N MET D 73 -7.21 13.84 6.45
CA MET D 73 -8.41 14.60 6.76
C MET D 73 -9.36 13.59 7.39
N LYS D 74 -9.97 13.94 8.51
CA LYS D 74 -10.89 13.03 9.20
C LYS D 74 -12.16 13.79 9.55
N ASP D 75 -13.30 13.12 9.39
CA ASP D 75 -14.57 13.72 9.68
C ASP D 75 -14.77 13.82 11.18
N ILE D 76 -15.54 14.82 11.56
CA ILE D 76 -15.87 15.04 12.95
C ILE D 76 -17.38 15.06 12.90
N LYS D 77 -18.01 14.48 13.92
CA LYS D 77 -19.45 14.38 14.00
C LYS D 77 -20.19 15.72 13.97
N ASP D 78 -21.33 15.73 13.27
CA ASP D 78 -22.20 16.91 13.12
C ASP D 78 -21.73 18.01 12.16
N TYR D 79 -20.45 18.02 11.79
CA TYR D 79 -19.96 19.06 10.87
C TYR D 79 -19.62 18.50 9.48
N ASP D 80 -19.83 19.32 8.45
CA ASP D 80 -19.52 18.94 7.06
C ASP D 80 -18.02 18.94 6.90
N PRO D 81 -17.47 17.92 6.25
CA PRO D 81 -16.03 17.78 6.02
C PRO D 81 -15.49 18.83 5.05
N ALA D 82 -15.00 19.93 5.59
CA ALA D 82 -14.48 21.02 4.78
C ALA D 82 -13.41 21.79 5.56
N ASP D 83 -12.61 22.63 4.91
CA ASP D 83 -12.68 22.88 3.47
C ASP D 83 -11.58 22.25 2.65
N GLY D 84 -10.52 21.82 3.31
CA GLY D 84 -9.45 21.20 2.56
C GLY D 84 -8.12 21.79 2.93
N ILE D 85 -7.06 21.22 2.38
CA ILE D 85 -5.70 21.65 2.64
C ILE D 85 -5.12 22.18 1.34
N ILE D 86 -4.19 23.12 1.44
CA ILE D 86 -3.54 23.66 0.26
C ILE D 86 -2.05 23.86 0.50
N PHE D 87 -1.24 23.31 -0.40
CA PHE D 87 0.20 23.44 -0.33
C PHE D 87 0.44 24.72 -1.14
N PHE D 88 1.09 25.72 -0.54
CA PHE D 88 1.32 26.97 -1.24
C PHE D 88 2.73 27.54 -1.15
N ILE D 89 2.98 28.50 -2.02
CA ILE D 89 4.24 29.22 -2.19
C ILE D 89 3.80 30.70 -2.17
N ALA D 90 4.43 31.53 -1.34
CA ALA D 90 4.02 32.95 -1.27
C ALA D 90 5.17 33.85 -0.81
N PRO D 91 5.01 35.19 -0.96
CA PRO D 91 6.04 36.16 -0.56
C PRO D 91 6.43 35.93 0.88
N GLU D 92 7.72 36.08 1.16
CA GLU D 92 8.20 35.88 2.52
C GLU D 92 7.37 36.64 3.58
N ASP D 93 6.81 37.78 3.22
CA ASP D 93 5.98 38.58 4.15
C ASP D 93 4.52 38.10 4.28
N THR D 94 4.21 36.95 3.70
CA THR D 94 2.87 36.38 3.74
C THR D 94 2.30 36.16 5.14
N GLN D 95 1.00 36.45 5.27
CA GLN D 95 0.24 36.32 6.50
C GLN D 95 -1.19 35.96 6.10
N ILE D 96 -1.99 35.51 7.06
CA ILE D 96 -3.38 35.16 6.77
C ILE D 96 -4.13 36.44 6.46
N PRO D 97 -4.92 36.46 5.37
CA PRO D 97 -5.71 37.60 4.91
C PRO D 97 -6.49 38.24 6.07
N ALA D 98 -6.50 39.57 6.11
CA ALA D 98 -7.19 40.32 7.15
C ALA D 98 -8.69 40.12 7.02
N GLY D 99 -9.33 39.70 8.12
CA GLY D 99 -10.76 39.47 8.12
C GLY D 99 -11.14 38.23 7.33
N SER D 100 -10.21 37.28 7.26
CA SER D 100 -10.40 36.02 6.55
C SER D 100 -11.68 35.32 7.00
N ILE D 101 -12.49 34.90 6.04
CA ILE D 101 -13.72 34.18 6.35
C ILE D 101 -13.48 32.68 6.38
N GLY D 102 -12.22 32.28 6.23
CA GLY D 102 -11.87 30.87 6.22
C GLY D 102 -12.66 30.23 5.11
N GLY D 103 -13.23 29.06 5.38
CA GLY D 103 -14.04 28.39 4.38
C GLY D 103 -13.42 28.16 3.01
N GLY D 104 -14.16 28.51 1.96
CA GLY D 104 -13.69 28.32 0.60
C GLY D 104 -12.37 28.97 0.20
N THR D 105 -11.95 29.96 0.99
CA THR D 105 -10.73 30.70 0.72
C THR D 105 -9.43 29.92 1.04
N LEU D 106 -9.57 28.82 1.77
CA LEU D 106 -8.47 27.95 2.17
C LEU D 106 -7.37 28.68 2.96
N GLY D 107 -7.73 29.81 3.54
CA GLY D 107 -6.78 30.59 4.34
C GLY D 107 -5.69 31.32 3.57
N VAL D 108 -5.80 31.36 2.25
CA VAL D 108 -4.78 32.02 1.44
C VAL D 108 -5.25 33.17 0.55
N SER D 109 -6.55 33.46 0.55
CA SER D 109 -7.12 34.53 -0.28
C SER D 109 -8.19 35.35 0.43
N ASP D 110 -8.72 36.38 -0.25
CA ASP D 110 -9.80 37.22 0.30
C ASP D 110 -11.15 36.59 -0.05
N THR D 111 -12.23 37.33 0.17
CA THR D 111 -13.57 36.84 -0.12
C THR D 111 -13.86 36.54 -1.59
N LYS D 112 -13.23 37.28 -2.50
CA LYS D 112 -13.41 37.05 -3.93
C LYS D 112 -12.66 35.78 -4.33
N GLY D 113 -11.74 35.35 -3.48
CA GLY D 113 -10.94 34.16 -3.76
C GLY D 113 -9.66 34.56 -4.46
N ALA D 114 -9.20 35.77 -4.17
CA ALA D 114 -7.99 36.36 -4.74
C ALA D 114 -6.85 36.62 -3.76
N GLY D 115 -5.64 36.21 -4.15
CA GLY D 115 -4.48 36.38 -3.30
C GLY D 115 -3.17 36.25 -4.08
N HIS D 116 -2.04 36.40 -3.39
CA HIS D 116 -0.74 36.29 -4.04
C HIS D 116 -0.09 34.98 -3.61
N PHE D 117 -0.18 33.96 -4.46
CA PHE D 117 0.38 32.65 -4.14
C PHE D 117 0.26 31.69 -5.31
N VAL D 118 1.01 30.59 -5.22
CA VAL D 118 0.97 29.52 -6.21
C VAL D 118 0.83 28.28 -5.35
N GLY D 119 -0.11 27.39 -5.66
CA GLY D 119 -0.26 26.21 -4.84
C GLY D 119 -1.08 25.07 -5.42
N VAL D 120 -1.16 23.99 -4.64
CA VAL D 120 -1.92 22.77 -4.97
C VAL D 120 -2.96 22.64 -3.86
N GLU D 121 -4.23 22.55 -4.24
CA GLU D 121 -5.31 22.46 -3.28
C GLU D 121 -5.97 21.08 -3.27
N PHE D 122 -6.36 20.64 -2.08
CA PHE D 122 -7.05 19.37 -1.91
C PHE D 122 -8.35 19.87 -1.29
N ASP D 123 -9.28 20.16 -2.20
CA ASP D 123 -10.57 20.74 -1.87
C ASP D 123 -11.67 19.72 -1.68
N THR D 124 -12.22 19.70 -0.48
CA THR D 124 -13.25 18.75 -0.14
C THR D 124 -14.68 19.33 -0.17
N TYR D 125 -14.81 20.57 -0.59
CA TYR D 125 -16.13 21.20 -0.67
C TYR D 125 -16.20 22.08 -1.90
N SER D 126 -17.31 21.93 -2.62
CA SER D 126 -17.59 22.64 -3.85
C SER D 126 -18.17 24.04 -3.66
N ASN D 127 -17.31 25.05 -3.73
CA ASN D 127 -17.74 26.44 -3.59
C ASN D 127 -18.08 27.04 -4.95
N SER D 128 -19.37 27.15 -5.24
CA SER D 128 -19.85 27.72 -6.50
C SER D 128 -19.27 29.10 -6.76
N GLU D 129 -19.14 29.86 -5.68
CA GLU D 129 -18.60 31.21 -5.72
C GLU D 129 -17.19 31.27 -6.32
N TYR D 130 -16.49 30.13 -6.33
CA TYR D 130 -15.14 30.05 -6.87
C TYR D 130 -15.08 29.07 -8.03
N ASN D 131 -16.25 28.78 -8.60
CA ASN D 131 -16.38 27.86 -9.73
C ASN D 131 -15.82 26.47 -9.45
N ASP D 132 -16.01 26.01 -8.22
CA ASP D 132 -15.51 24.69 -7.83
C ASP D 132 -16.24 23.60 -8.60
N PRO D 133 -15.51 22.53 -8.95
CA PRO D 133 -16.12 21.40 -9.67
C PRO D 133 -17.12 20.76 -8.69
N PRO D 134 -18.06 19.94 -9.19
CA PRO D 134 -19.04 19.29 -8.31
C PRO D 134 -18.56 18.22 -7.32
N THR D 135 -17.32 17.77 -7.47
CA THR D 135 -16.80 16.71 -6.60
C THR D 135 -15.50 17.14 -5.93
N ASP D 136 -14.97 16.25 -5.09
CA ASP D 136 -13.70 16.50 -4.40
C ASP D 136 -12.70 16.62 -5.52
N HIS D 137 -11.65 17.40 -5.31
CA HIS D 137 -10.68 17.60 -6.36
C HIS D 137 -9.32 18.08 -5.89
N VAL D 138 -8.34 17.91 -6.77
CA VAL D 138 -6.98 18.40 -6.56
C VAL D 138 -6.96 19.52 -7.62
N GLY D 139 -6.44 20.70 -7.28
CA GLY D 139 -6.39 21.78 -8.26
C GLY D 139 -5.09 22.56 -8.21
N ILE D 140 -4.76 23.24 -9.31
CA ILE D 140 -3.56 24.09 -9.38
C ILE D 140 -4.05 25.53 -9.29
N ASP D 141 -3.56 26.25 -8.28
CA ASP D 141 -3.97 27.64 -8.04
C ASP D 141 -2.87 28.69 -8.28
N VAL D 142 -3.15 29.64 -9.16
CA VAL D 142 -2.20 30.74 -9.42
C VAL D 142 -2.94 32.03 -9.00
N ASN D 143 -2.56 32.57 -7.84
CA ASN D 143 -3.16 33.80 -7.29
C ASN D 143 -4.68 33.81 -7.06
N SER D 144 -5.30 32.65 -7.05
CA SER D 144 -6.73 32.59 -6.84
C SER D 144 -7.07 31.16 -6.47
N VAL D 145 -8.22 30.98 -5.81
CA VAL D 145 -8.68 29.65 -5.46
C VAL D 145 -9.63 29.15 -6.54
N ASP D 146 -9.77 29.93 -7.61
CA ASP D 146 -10.60 29.56 -8.75
C ASP D 146 -9.56 28.87 -9.62
N SER D 147 -9.36 27.59 -9.35
CA SER D 147 -8.33 26.81 -10.03
C SER D 147 -8.13 26.96 -11.52
N VAL D 148 -6.85 27.04 -11.88
CA VAL D 148 -6.41 27.14 -13.26
C VAL D 148 -6.76 25.81 -13.91
N LYS D 149 -6.60 24.72 -13.16
CA LYS D 149 -6.87 23.39 -13.67
C LYS D 149 -7.12 22.46 -12.49
N THR D 150 -8.13 21.60 -12.62
CA THR D 150 -8.49 20.66 -11.57
C THR D 150 -8.69 19.24 -12.10
N VAL D 151 -8.73 18.30 -11.17
CA VAL D 151 -8.95 16.91 -11.52
C VAL D 151 -9.78 16.25 -10.43
N PRO D 152 -10.80 15.47 -10.81
CA PRO D 152 -11.63 14.82 -9.79
C PRO D 152 -10.75 13.96 -8.90
N TRP D 153 -11.12 13.89 -7.63
CA TRP D 153 -10.39 13.12 -6.65
C TRP D 153 -11.40 12.68 -5.60
N ASN D 154 -10.93 11.95 -4.60
CA ASN D 154 -11.82 11.49 -3.54
C ASN D 154 -11.07 11.49 -2.22
N SER D 155 -11.56 12.28 -1.26
CA SER D 155 -10.95 12.35 0.05
C SER D 155 -11.61 11.28 0.90
N VAL D 156 -10.78 10.39 1.46
CA VAL D 156 -11.25 9.30 2.30
C VAL D 156 -10.91 9.56 3.77
N SER D 157 -11.96 9.68 4.57
CA SER D 157 -11.84 9.95 6.00
C SER D 157 -10.88 9.04 6.74
N GLY D 158 -9.96 9.65 7.49
CA GLY D 158 -8.99 8.89 8.26
C GLY D 158 -7.93 8.17 7.46
N ALA D 159 -7.84 8.49 6.18
CA ALA D 159 -6.87 7.87 5.29
C ALA D 159 -5.65 8.74 5.16
N VAL D 160 -4.47 8.13 5.18
CA VAL D 160 -3.22 8.87 5.03
C VAL D 160 -2.95 8.94 3.53
N VAL D 161 -2.83 10.15 3.03
CA VAL D 161 -2.57 10.40 1.62
C VAL D 161 -1.14 10.90 1.48
N LYS D 162 -0.44 10.41 0.45
CA LYS D 162 0.94 10.82 0.18
C LYS D 162 0.87 11.60 -1.14
N VAL D 163 1.71 12.62 -1.27
CA VAL D 163 1.75 13.46 -2.46
C VAL D 163 3.19 13.74 -2.85
N THR D 164 3.47 13.71 -4.16
CA THR D 164 4.81 14.00 -4.65
C THR D 164 4.69 15.17 -5.66
N VAL D 165 5.57 16.15 -5.51
CA VAL D 165 5.59 17.33 -6.38
C VAL D 165 6.96 17.52 -7.05
N ILE D 166 6.97 17.83 -8.34
CA ILE D 166 8.22 18.08 -9.05
C ILE D 166 7.99 19.33 -9.90
N TYR D 167 8.91 20.28 -9.81
CA TYR D 167 8.80 21.45 -10.65
C TYR D 167 10.10 21.56 -11.41
N ASP D 168 10.00 21.49 -12.73
CA ASP D 168 11.16 21.57 -13.60
C ASP D 168 11.27 23.00 -14.19
N SER D 169 12.37 23.66 -13.88
CA SER D 169 12.63 25.01 -14.33
C SER D 169 12.60 25.28 -15.85
N SER D 170 13.11 24.34 -16.63
CA SER D 170 13.19 24.50 -18.07
C SER D 170 11.84 24.57 -18.78
N THR D 171 10.96 23.65 -18.39
CA THR D 171 9.63 23.61 -18.99
C THR D 171 8.61 24.41 -18.19
N LYS D 172 9.01 24.82 -16.98
CA LYS D 172 8.15 25.56 -16.06
C LYS D 172 6.91 24.70 -15.78
N THR D 173 7.13 23.38 -15.73
CA THR D 173 6.07 22.41 -15.50
C THR D 173 6.03 21.90 -14.06
N LEU D 174 4.87 22.06 -13.41
CA LEU D 174 4.64 21.62 -12.04
C LEU D 174 3.78 20.36 -12.14
N SER D 175 4.35 19.23 -11.71
CA SER D 175 3.62 17.96 -11.73
C SER D 175 3.36 17.44 -10.32
N VAL D 176 2.14 16.94 -10.15
CA VAL D 176 1.65 16.41 -8.88
C VAL D 176 1.21 14.95 -8.97
N ALA D 177 1.66 14.13 -8.02
CA ALA D 177 1.29 12.71 -7.95
C ALA D 177 0.69 12.44 -6.57
N VAL D 178 -0.61 12.17 -6.55
CA VAL D 178 -1.30 11.90 -5.29
C VAL D 178 -1.56 10.40 -5.18
N THR D 179 -1.10 9.80 -4.09
CA THR D 179 -1.27 8.38 -3.83
C THR D 179 -2.32 8.15 -2.75
N ASN D 180 -3.54 7.83 -3.17
CA ASN D 180 -4.67 7.55 -2.27
C ASN D 180 -4.34 6.30 -1.46
N ASP D 181 -5.04 6.09 -0.36
CA ASP D 181 -4.80 4.94 0.50
C ASP D 181 -5.16 3.59 -0.15
N ASN D 182 -6.10 3.62 -1.10
CA ASN D 182 -6.53 2.39 -1.77
C ASN D 182 -5.58 1.88 -2.86
N GLY D 183 -4.48 2.59 -3.10
CA GLY D 183 -3.50 2.16 -4.10
C GLY D 183 -3.42 2.99 -5.38
N ASP D 184 -4.55 3.53 -5.82
CA ASP D 184 -4.64 4.33 -7.04
C ASP D 184 -3.89 5.68 -7.00
N ILE D 185 -3.45 6.17 -8.15
CA ILE D 185 -2.76 7.47 -8.23
C ILE D 185 -3.57 8.52 -9.02
N THR D 186 -3.52 9.76 -8.56
CA THR D 186 -4.20 10.85 -9.24
C THR D 186 -3.13 11.88 -9.58
N THR D 187 -2.91 12.13 -10.86
CA THR D 187 -1.91 13.10 -11.27
C THR D 187 -2.56 14.28 -11.95
N ILE D 188 -1.88 15.41 -11.90
CA ILE D 188 -2.34 16.66 -12.52
C ILE D 188 -1.05 17.44 -12.73
N ALA D 189 -0.94 18.13 -13.88
CA ALA D 189 0.25 18.91 -14.20
C ALA D 189 -0.15 20.18 -14.94
N GLN D 190 0.64 21.23 -14.77
CA GLN D 190 0.39 22.54 -15.37
C GLN D 190 1.65 23.41 -15.47
N VAL D 191 1.75 24.16 -16.56
CA VAL D 191 2.88 25.08 -16.81
C VAL D 191 2.60 26.36 -15.99
N VAL D 192 3.48 26.67 -15.06
CA VAL D 192 3.31 27.87 -14.23
C VAL D 192 4.68 28.53 -14.17
N ASP D 193 4.76 29.78 -14.63
CA ASP D 193 6.02 30.50 -14.64
C ASP D 193 6.22 31.21 -13.29
N LEU D 194 6.89 30.53 -12.36
CA LEU D 194 7.14 31.09 -11.03
C LEU D 194 7.82 32.45 -11.04
N LYS D 195 8.77 32.63 -11.93
CA LYS D 195 9.51 33.89 -12.03
C LYS D 195 8.60 35.09 -12.26
N ALA D 196 7.53 34.89 -13.00
CA ALA D 196 6.60 35.98 -13.31
C ALA D 196 5.47 36.17 -12.33
N LYS D 197 5.22 35.16 -11.50
CA LYS D 197 4.12 35.22 -10.55
C LYS D 197 4.52 35.47 -9.11
N LEU D 198 5.77 35.14 -8.76
CA LEU D 198 6.27 35.31 -7.41
C LEU D 198 7.61 36.00 -7.37
N PRO D 199 7.92 36.67 -6.25
CA PRO D 199 9.19 37.38 -6.08
C PRO D 199 10.40 36.44 -5.92
N GLU D 200 11.58 37.04 -5.88
CA GLU D 200 12.82 36.28 -5.74
C GLU D 200 12.90 35.32 -4.57
N ARG D 201 12.29 35.72 -3.46
CA ARG D 201 12.29 34.90 -2.26
C ARG D 201 10.88 34.61 -1.83
N VAL D 202 10.64 33.34 -1.55
CA VAL D 202 9.32 32.89 -1.13
C VAL D 202 9.39 31.97 0.05
N LYS D 203 8.22 31.68 0.59
CA LYS D 203 8.07 30.78 1.71
C LYS D 203 7.05 29.74 1.31
N PHE D 204 7.39 28.47 1.59
CA PHE D 204 6.54 27.33 1.31
C PHE D 204 5.76 26.96 2.56
N GLY D 205 4.60 26.34 2.39
CA GLY D 205 3.83 25.96 3.55
C GLY D 205 2.47 25.37 3.26
N PHE D 206 1.75 25.07 4.33
CA PHE D 206 0.43 24.50 4.21
C PHE D 206 -0.62 25.41 4.84
N SER D 207 -1.88 25.15 4.55
CA SER D 207 -2.95 25.95 5.13
C SER D 207 -4.28 25.25 4.94
N ALA D 208 -5.14 25.38 5.94
CA ALA D 208 -6.44 24.75 5.88
C ALA D 208 -7.43 25.64 6.62
N SER D 209 -8.70 25.57 6.23
CA SER D 209 -9.71 26.40 6.86
C SER D 209 -11.06 25.72 7.03
N GLY D 210 -11.92 26.39 7.78
CA GLY D 210 -13.26 25.89 8.02
C GLY D 210 -14.20 27.06 8.14
N SER D 211 -15.49 26.76 8.13
CA SER D 211 -16.50 27.80 8.27
C SER D 211 -17.28 27.52 9.55
N LEU D 212 -18.51 28.03 9.63
CA LEU D 212 -19.32 27.81 10.81
C LEU D 212 -19.70 26.33 10.92
N GLY D 213 -20.38 25.83 9.88
CA GLY D 213 -20.83 24.45 9.85
C GLY D 213 -19.98 23.46 9.08
N GLY D 214 -18.84 23.91 8.57
CA GLY D 214 -17.95 23.02 7.84
C GLY D 214 -16.61 22.94 8.55
N ARG D 215 -16.34 21.80 9.17
CA ARG D 215 -15.08 21.62 9.90
C ARG D 215 -14.67 20.16 9.79
N GLN D 216 -13.38 19.90 9.85
CA GLN D 216 -12.89 18.54 9.79
C GLN D 216 -11.46 18.62 10.26
N ILE D 217 -10.91 17.48 10.65
CA ILE D 217 -9.53 17.41 11.13
C ILE D 217 -8.62 17.40 9.90
N HIS D 218 -7.65 18.32 9.90
CA HIS D 218 -6.67 18.49 8.83
C HIS D 218 -5.31 18.26 9.45
N LEU D 219 -4.60 17.26 8.97
CA LEU D 219 -3.29 16.94 9.53
C LEU D 219 -2.15 16.88 8.52
N ILE D 220 -0.98 17.33 8.94
CA ILE D 220 0.22 17.23 8.10
C ILE D 220 1.10 16.33 8.95
N ARG D 221 1.53 15.22 8.40
CA ARG D 221 2.33 14.25 9.13
C ARG D 221 3.83 14.27 8.86
N SER D 222 4.22 14.50 7.61
CA SER D 222 5.62 14.53 7.24
C SER D 222 5.85 15.45 6.05
N TRP D 223 7.09 15.92 5.87
CA TRP D 223 7.44 16.82 4.78
C TRP D 223 8.94 16.90 4.50
N SER D 224 9.33 16.46 3.31
CA SER D 224 10.72 16.52 2.85
C SER D 224 10.71 17.49 1.67
N PHE D 225 11.79 18.25 1.51
CA PHE D 225 11.85 19.24 0.43
C PHE D 225 13.26 19.53 -0.03
N THR D 226 13.43 19.71 -1.32
CA THR D 226 14.71 20.05 -1.89
C THR D 226 14.53 20.92 -3.13
N SER D 227 15.41 21.90 -3.26
CA SER D 227 15.39 22.80 -4.40
C SER D 227 16.84 23.11 -4.74
N THR D 228 17.11 23.31 -6.02
CA THR D 228 18.45 23.65 -6.49
C THR D 228 18.34 24.70 -7.59
N LEU D 229 19.06 25.80 -7.41
CA LEU D 229 19.11 26.92 -8.33
C LEU D 229 20.51 27.03 -8.91
N ILE D 230 20.61 27.00 -10.24
CA ILE D 230 21.90 27.09 -10.89
C ILE D 230 22.48 28.49 -10.69
N THR D 231 23.66 28.52 -10.11
CA THR D 231 24.36 29.75 -9.81
C THR D 231 25.58 29.95 -10.72
N THR D 232 25.31 30.28 -11.99
CA THR D 232 26.34 30.51 -13.00
C THR D 232 25.69 30.75 -14.38
#